data_2DBW
#
_entry.id   2DBW
#
_cell.length_a   78.800
_cell.length_b   126.700
_cell.length_c   128.900
_cell.angle_alpha   90.00
_cell.angle_beta   90.00
_cell.angle_gamma   90.00
#
_symmetry.space_group_name_H-M   'P 21 21 21'
#
loop_
_entity.id
_entity.type
_entity.pdbx_description
1 polymer Gamma-glutamyltranspeptidase
2 polymer Gamma-glutamyltranspeptidase
3 non-polymer GLYCEROL
4 non-polymer 'GAMMA-L-GLUTAMIC ACID'
5 water water
#
loop_
_entity_poly.entity_id
_entity_poly.type
_entity_poly.pdbx_seq_one_letter_code
_entity_poly.pdbx_strand_id
1 'polypeptide(L)'
;AAPPAPPVSYGVEEDVFHPVRAKQG(MSE)VASVDATATQVGVDILKEGGNAVDAAVAVGYALAVTHPQAGNLGGGGF
(MSE)LIRSKNGNTTAIDFRE(MSE)APAKATRD(MSE)FLDDQGNPDSKKSLTSHLASGTPGTVAGFSLALDKYGT
(MSE)PLNKVVQPAFKLARDGFIVNDALADDLKTYGSEVLPNHENSKAIFWKEGEPLKKGDTLVQANLAKSLE(MSE)IA
ENGPDEFYKGTIAEQIAQE(MSE)QKNGGLITKEDLAAYKAVERTPISGDYRGYQVYS(MSE)PPPSSGGIHIVQILNIL
ENFD(MSE)KKYGFGSADA(MSE)QI(MSE)AEAEKYAYADRSEYLGDPDFVKVPWQALTNKAYAKSIADQIDINKAKPS
SEIRPGKLAPYESNQ
;
A,C
2 'polypeptide(L)'
;TTHYSVVDKDGNAVAVTYTLNTTFGTGIVAGESGILLNNQ(MSE)DDFSAKPGVPNVYGLVGGDANAVGPNKRPLSS
(MSE)SPTIVVKDGKTWLVTGSPGGSRIITTVLQ(MSE)VVNSIDYGLNVAEATNAPRFHHQWLPDELRVEKGFSPDTLK
LLEAKGQKVALKEA(MSE)GSTQSI(MSE)VGPDGELYGASDPRSVDDLTAGY
;
B,D
#
# COMPACT_ATOMS: atom_id res chain seq x y z
N ALA A 5 24.24 -5.09 -13.96
CA ALA A 5 22.90 -5.06 -13.31
C ALA A 5 22.14 -6.36 -13.54
N PRO A 6 21.30 -6.77 -12.58
CA PRO A 6 20.52 -8.00 -12.68
C PRO A 6 19.27 -7.80 -13.54
N PRO A 7 18.52 -8.89 -13.79
CA PRO A 7 17.31 -8.76 -14.59
C PRO A 7 16.26 -7.89 -13.88
N VAL A 8 15.44 -7.22 -14.66
CA VAL A 8 14.40 -6.36 -14.11
C VAL A 8 13.13 -7.16 -13.84
N SER A 9 12.26 -6.62 -13.00
CA SER A 9 11.00 -7.28 -12.67
C SER A 9 9.85 -6.28 -12.79
N TYR A 10 8.89 -6.59 -13.64
CA TYR A 10 7.73 -5.72 -13.82
C TYR A 10 6.64 -6.11 -12.85
N GLY A 11 6.89 -7.17 -12.09
CA GLY A 11 5.93 -7.63 -11.10
C GLY A 11 5.24 -8.94 -11.45
N VAL A 12 5.13 -9.83 -10.45
CA VAL A 12 4.47 -11.11 -10.63
C VAL A 12 3.43 -11.33 -9.52
N GLU A 13 2.62 -12.37 -9.68
CA GLU A 13 1.58 -12.71 -8.72
C GLU A 13 2.06 -12.95 -7.28
N GLU A 14 3.28 -13.47 -7.14
CA GLU A 14 3.82 -13.77 -5.80
C GLU A 14 4.29 -12.56 -5.00
N ASP A 15 4.42 -11.41 -5.64
CA ASP A 15 4.89 -10.21 -4.96
C ASP A 15 3.93 -9.70 -3.88
N VAL A 16 4.46 -8.91 -2.95
CA VAL A 16 3.67 -8.35 -1.88
C VAL A 16 2.98 -7.09 -2.38
N PHE A 17 3.71 -6.30 -3.15
CA PHE A 17 3.21 -5.05 -3.70
C PHE A 17 3.02 -5.20 -5.21
N HIS A 18 1.82 -4.87 -5.67
CA HIS A 18 1.47 -5.03 -7.08
C HIS A 18 1.23 -3.71 -7.81
N PRO A 19 1.87 -3.54 -8.97
CA PRO A 19 1.64 -2.29 -9.70
C PRO A 19 0.28 -2.30 -10.38
N VAL A 20 -0.22 -1.10 -10.68
CA VAL A 20 -1.48 -0.96 -11.39
C VAL A 20 -1.08 -1.24 -12.84
N ARG A 21 -1.89 -1.99 -13.58
CA ARG A 21 -1.54 -2.29 -14.97
C ARG A 21 -2.51 -1.68 -15.96
N ALA A 22 -1.98 -1.31 -17.13
CA ALA A 22 -2.77 -0.72 -18.20
C ALA A 22 -2.09 -1.02 -19.53
N LYS A 23 -2.88 -1.17 -20.58
CA LYS A 23 -2.31 -1.48 -21.89
C LYS A 23 -2.16 -0.27 -22.80
N GLN A 24 -2.92 0.79 -22.54
CA GLN A 24 -2.84 1.97 -23.40
C GLN A 24 -2.17 3.18 -22.76
N GLY A 25 -2.85 3.85 -21.84
CA GLY A 25 -2.27 5.01 -21.20
C GLY A 25 -2.32 4.93 -19.68
N VAL A 27 -1.63 7.45 -15.84
CA VAL A 27 -1.32 8.69 -15.13
C VAL A 27 -1.14 8.35 -13.66
N ALA A 28 -0.08 8.88 -13.06
CA ALA A 28 0.20 8.68 -11.65
C ALA A 28 0.32 10.05 -11.00
N SER A 29 -0.52 10.33 -10.01
CA SER A 29 -0.45 11.62 -9.32
C SER A 29 -0.85 11.48 -7.86
N VAL A 30 -0.65 12.57 -7.11
CA VAL A 30 -0.95 12.60 -5.69
C VAL A 30 -2.45 12.72 -5.40
N ASP A 31 -3.25 12.96 -6.43
CA ASP A 31 -4.70 13.16 -6.23
C ASP A 31 -5.58 12.36 -7.19
N ALA A 32 -6.50 11.58 -6.63
CA ALA A 32 -7.40 10.76 -7.43
C ALA A 32 -8.14 11.54 -8.53
N THR A 33 -8.72 12.68 -8.17
CA THR A 33 -9.45 13.49 -9.14
C THR A 33 -8.56 13.94 -10.29
N ALA A 34 -7.38 14.46 -9.97
CA ALA A 34 -6.45 14.93 -10.99
C ALA A 34 -6.01 13.79 -11.89
N THR A 35 -5.77 12.62 -11.31
CA THR A 35 -5.36 11.45 -12.07
C THR A 35 -6.45 11.07 -13.06
N GLN A 36 -7.69 11.11 -12.62
CA GLN A 36 -8.81 10.76 -13.48
C GLN A 36 -8.98 11.80 -14.59
N VAL A 37 -8.66 13.06 -14.29
CA VAL A 37 -8.74 14.11 -15.31
C VAL A 37 -7.73 13.77 -16.41
N GLY A 38 -6.52 13.40 -16.00
CA GLY A 38 -5.49 13.06 -16.96
C GLY A 38 -5.88 11.86 -17.82
N VAL A 39 -6.39 10.83 -17.17
CA VAL A 39 -6.81 9.62 -17.90
C VAL A 39 -7.91 9.96 -18.90
N ASP A 40 -8.84 10.82 -18.51
CA ASP A 40 -9.92 11.19 -19.41
C ASP A 40 -9.40 11.94 -20.64
N ILE A 41 -8.38 12.77 -20.44
CA ILE A 41 -7.80 13.51 -21.54
C ILE A 41 -7.15 12.54 -22.53
N LEU A 42 -6.47 11.53 -22.00
CA LEU A 42 -5.84 10.53 -22.86
C LEU A 42 -6.91 9.79 -23.64
N LYS A 43 -7.98 9.40 -22.94
CA LYS A 43 -9.08 8.68 -23.59
C LYS A 43 -9.72 9.52 -24.69
N GLU A 44 -9.67 10.84 -24.53
CA GLU A 44 -10.25 11.73 -25.52
C GLU A 44 -9.33 11.98 -26.71
N GLY A 45 -8.13 11.38 -26.66
CA GLY A 45 -7.19 11.53 -27.76
C GLY A 45 -6.01 12.45 -27.53
N GLY A 46 -5.92 13.03 -26.34
CA GLY A 46 -4.79 13.92 -26.06
C GLY A 46 -3.53 13.11 -25.86
N ASN A 47 -2.36 13.69 -26.13
CA ASN A 47 -1.12 12.95 -25.91
C ASN A 47 -0.63 13.16 -24.48
N ALA A 48 0.54 12.62 -24.16
CA ALA A 48 1.08 12.74 -22.81
C ALA A 48 1.20 14.19 -22.34
N VAL A 49 1.64 15.08 -23.23
CA VAL A 49 1.77 16.48 -22.85
C VAL A 49 0.40 17.11 -22.59
N ASP A 50 -0.59 16.80 -23.44
CA ASP A 50 -1.94 17.35 -23.24
C ASP A 50 -2.43 16.95 -21.85
N ALA A 51 -2.35 15.65 -21.55
CA ALA A 51 -2.81 15.13 -20.28
C ALA A 51 -2.01 15.72 -19.12
N ALA A 52 -0.70 15.84 -19.29
CA ALA A 52 0.16 16.40 -18.25
C ALA A 52 -0.25 17.83 -17.88
N VAL A 53 -0.57 18.63 -18.90
CA VAL A 53 -0.98 20.00 -18.66
C VAL A 53 -2.35 20.02 -17.98
N ALA A 54 -3.25 19.15 -18.42
CA ALA A 54 -4.58 19.07 -17.82
C ALA A 54 -4.47 18.68 -16.34
N VAL A 55 -3.58 17.73 -16.06
CA VAL A 55 -3.38 17.29 -14.68
C VAL A 55 -2.81 18.44 -13.85
N GLY A 56 -1.90 19.20 -14.46
CA GLY A 56 -1.28 20.32 -13.77
C GLY A 56 -2.30 21.38 -13.41
N TYR A 57 -3.23 21.67 -14.31
CA TYR A 57 -4.25 22.65 -14.02
C TYR A 57 -5.25 22.12 -12.99
N ALA A 58 -5.56 20.82 -13.08
CA ALA A 58 -6.51 20.23 -12.14
C ALA A 58 -5.94 20.24 -10.72
N LEU A 59 -4.66 19.90 -10.57
CA LEU A 59 -4.04 19.90 -9.24
C LEU A 59 -3.98 21.31 -8.65
N ALA A 60 -3.96 22.32 -9.52
CA ALA A 60 -3.92 23.71 -9.06
C ALA A 60 -5.23 24.04 -8.35
N VAL A 61 -6.24 23.19 -8.56
CA VAL A 61 -7.54 23.37 -7.96
C VAL A 61 -7.79 22.38 -6.82
N THR A 62 -7.52 21.10 -7.06
CA THR A 62 -7.76 20.06 -6.07
C THR A 62 -6.64 19.79 -5.07
N HIS A 63 -5.46 20.33 -5.33
CA HIS A 63 -4.34 20.10 -4.41
C HIS A 63 -3.63 21.44 -4.19
N PRO A 64 -4.33 22.42 -3.62
CA PRO A 64 -3.76 23.74 -3.36
C PRO A 64 -2.49 23.74 -2.52
N GLN A 65 -2.22 22.60 -1.86
CA GLN A 65 -1.03 22.46 -1.05
C GLN A 65 0.23 22.63 -1.91
N ALA A 66 0.17 22.08 -3.12
CA ALA A 66 1.31 22.12 -4.03
C ALA A 66 0.94 22.38 -5.50
N GLY A 67 -0.19 21.83 -5.94
CA GLY A 67 -0.65 22.07 -7.30
C GLY A 67 -0.80 23.57 -7.34
N ASN A 68 -0.54 24.22 -8.47
CA ASN A 68 -0.59 25.68 -8.46
C ASN A 68 -0.56 26.42 -9.80
N LEU A 69 -0.87 27.70 -9.71
CA LEU A 69 -0.78 28.62 -10.84
C LEU A 69 0.19 29.69 -10.33
N GLY A 70 0.33 29.77 -9.00
CA GLY A 70 1.19 30.77 -8.40
C GLY A 70 2.58 30.34 -7.98
N GLY A 71 3.04 29.21 -8.51
CA GLY A 71 4.37 28.73 -8.18
C GLY A 71 5.18 28.42 -9.42
N GLY A 72 5.93 27.33 -9.39
CA GLY A 72 6.74 26.98 -10.55
C GLY A 72 7.20 25.54 -10.50
N GLY A 73 7.96 25.13 -11.51
CA GLY A 73 8.42 23.75 -11.54
C GLY A 73 9.21 23.39 -12.77
N PHE A 74 9.28 22.09 -13.02
CA PHE A 74 10.02 21.55 -14.14
C PHE A 74 9.25 20.42 -14.81
N LEU A 76 9.86 17.12 -17.70
CA LEU A 76 10.75 16.32 -18.51
C LEU A 76 9.84 15.66 -19.54
N ILE A 77 10.19 15.81 -20.81
CA ILE A 77 9.39 15.24 -21.88
C ILE A 77 10.25 14.33 -22.75
N ARG A 78 9.74 13.13 -23.02
CA ARG A 78 10.45 12.20 -23.90
C ARG A 78 9.46 11.63 -24.89
N SER A 79 9.65 11.99 -26.15
CA SER A 79 8.78 11.53 -27.22
C SER A 79 9.01 10.06 -27.49
N LYS A 80 8.02 9.44 -28.12
CA LYS A 80 8.10 8.03 -28.48
C LYS A 80 9.32 7.82 -29.37
N ASN A 81 9.73 8.87 -30.08
CA ASN A 81 10.87 8.77 -30.98
C ASN A 81 12.22 9.01 -30.30
N GLY A 82 12.20 9.14 -28.98
CA GLY A 82 13.45 9.32 -28.23
C GLY A 82 13.86 10.73 -27.87
N ASN A 83 13.28 11.72 -28.54
CA ASN A 83 13.62 13.12 -28.27
C ASN A 83 13.32 13.42 -26.80
N THR A 84 14.35 13.78 -26.04
CA THR A 84 14.19 14.07 -24.62
C THR A 84 14.54 15.52 -24.33
N THR A 85 13.63 16.24 -23.67
CA THR A 85 13.89 17.64 -23.38
C THR A 85 13.36 18.06 -22.01
N ALA A 86 13.86 19.19 -21.52
CA ALA A 86 13.45 19.70 -20.21
C ALA A 86 12.85 21.09 -20.33
N ILE A 87 11.79 21.34 -19.57
CA ILE A 87 11.16 22.65 -19.58
C ILE A 87 11.37 23.26 -18.19
N ASP A 88 12.05 24.39 -18.16
CA ASP A 88 12.32 25.10 -16.92
C ASP A 88 11.29 26.21 -16.74
N PHE A 89 10.37 26.03 -15.79
CA PHE A 89 9.39 27.08 -15.51
C PHE A 89 9.46 27.42 -14.01
N ARG A 90 10.69 27.60 -13.58
CA ARG A 90 11.05 27.95 -12.20
C ARG A 90 10.84 29.45 -12.06
N GLU A 91 10.37 29.88 -10.88
CA GLU A 91 10.14 31.30 -10.67
C GLU A 91 11.42 32.10 -10.79
N ALA A 93 13.36 35.59 -9.51
CA ALA A 93 13.29 36.56 -8.43
C ALA A 93 12.92 37.88 -9.07
N PRO A 94 12.19 38.74 -8.33
CA PRO A 94 11.78 40.04 -8.86
C PRO A 94 13.00 40.87 -9.25
N ALA A 95 12.81 41.79 -10.19
CA ALA A 95 13.90 42.64 -10.66
C ALA A 95 14.44 43.50 -9.51
N LYS A 96 13.61 43.74 -8.50
CA LYS A 96 14.01 44.55 -7.35
C LYS A 96 14.62 43.72 -6.21
N ALA A 97 14.75 42.42 -6.42
CA ALA A 97 15.34 41.56 -5.41
C ALA A 97 16.81 41.88 -5.22
N THR A 98 17.29 41.76 -4.00
CA THR A 98 18.70 42.03 -3.69
C THR A 98 19.31 40.91 -2.84
N ARG A 99 20.62 40.76 -2.96
CA ARG A 99 21.36 39.72 -2.25
C ARG A 99 21.02 39.57 -0.77
N ASP A 100 21.01 40.68 -0.03
CA ASP A 100 20.73 40.64 1.40
C ASP A 100 19.31 41.01 1.81
N PHE A 102 16.84 39.26 2.73
CA PHE A 102 16.25 38.49 3.81
C PHE A 102 16.98 38.59 5.15
N LEU A 103 17.97 39.46 5.21
CA LEU A 103 18.73 39.63 6.44
C LEU A 103 18.09 40.69 7.34
N ASP A 104 18.10 40.47 8.65
CA ASP A 104 17.53 41.44 9.56
C ASP A 104 18.58 42.52 9.82
N ASP A 105 18.26 43.48 10.68
CA ASP A 105 19.18 44.57 10.98
C ASP A 105 20.54 44.12 11.49
N GLN A 106 20.59 42.91 12.05
CA GLN A 106 21.84 42.37 12.58
C GLN A 106 22.62 41.55 11.55
N GLY A 107 22.04 41.40 10.36
CA GLY A 107 22.70 40.65 9.31
C GLY A 107 22.40 39.16 9.31
N ASN A 108 21.40 38.75 10.09
CA ASN A 108 21.04 37.35 10.17
C ASN A 108 19.77 37.06 9.38
N PRO A 109 19.75 35.96 8.60
CA PRO A 109 18.56 35.63 7.82
C PRO A 109 17.28 35.59 8.66
N ASP A 110 16.21 36.12 8.11
CA ASP A 110 14.90 36.13 8.76
C ASP A 110 14.02 35.18 7.96
N SER A 111 13.83 33.97 8.47
CA SER A 111 13.02 32.97 7.78
C SER A 111 11.57 33.39 7.56
N LYS A 112 11.08 34.33 8.35
CA LYS A 112 9.71 34.79 8.19
C LYS A 112 9.57 35.58 6.88
N LYS A 113 10.59 36.35 6.55
CA LYS A 113 10.58 37.14 5.33
C LYS A 113 10.65 36.26 4.08
N SER A 114 11.43 35.19 4.16
CA SER A 114 11.60 34.30 3.02
C SER A 114 10.57 33.18 2.93
N LEU A 115 9.73 33.05 3.95
CA LEU A 115 8.73 31.98 3.95
C LEU A 115 7.27 32.41 4.08
N THR A 116 7.01 33.46 4.86
CA THR A 116 5.62 33.88 5.05
C THR A 116 5.25 35.31 4.66
N SER A 117 6.23 36.13 4.31
CA SER A 117 5.94 37.51 3.92
C SER A 117 5.73 37.60 2.41
N HIS A 118 5.27 38.76 1.94
CA HIS A 118 5.05 38.96 0.51
C HIS A 118 6.39 39.00 -0.24
N LEU A 119 7.49 39.08 0.50
CA LEU A 119 8.82 39.12 -0.10
C LEU A 119 9.30 37.70 -0.43
N ALA A 120 8.59 36.70 0.09
CA ALA A 120 8.97 35.30 -0.11
C ALA A 120 8.66 34.75 -1.50
N SER A 121 7.88 35.49 -2.27
CA SER A 121 7.46 35.03 -3.60
C SER A 121 8.32 35.40 -4.80
N GLY A 122 8.46 34.44 -5.71
CA GLY A 122 9.20 34.67 -6.94
C GLY A 122 8.13 34.77 -8.01
N THR A 123 8.46 35.35 -9.16
CA THR A 123 7.50 35.48 -10.25
C THR A 123 7.10 34.08 -10.74
N PRO A 124 5.80 33.72 -10.62
CA PRO A 124 5.28 32.41 -11.05
C PRO A 124 5.56 32.01 -12.49
N GLY A 125 5.96 30.74 -12.68
CA GLY A 125 6.24 30.27 -14.02
C GLY A 125 5.36 29.14 -14.53
N THR A 126 4.55 28.56 -13.66
CA THR A 126 3.69 27.45 -14.06
C THR A 126 2.85 27.66 -15.32
N VAL A 127 2.10 28.74 -15.39
CA VAL A 127 1.27 28.99 -16.57
C VAL A 127 2.11 29.11 -17.83
N ALA A 128 3.24 29.81 -17.73
CA ALA A 128 4.14 29.98 -18.87
C ALA A 128 4.72 28.64 -19.31
N GLY A 129 5.14 27.84 -18.33
CA GLY A 129 5.71 26.55 -18.63
C GLY A 129 4.74 25.59 -19.30
N PHE A 130 3.52 25.54 -18.80
CA PHE A 130 2.52 24.65 -19.37
C PHE A 130 2.18 25.04 -20.80
N SER A 131 2.10 26.35 -21.08
CA SER A 131 1.79 26.79 -22.43
C SER A 131 2.94 26.54 -23.39
N LEU A 132 4.17 26.72 -22.91
CA LEU A 132 5.33 26.48 -23.77
C LEU A 132 5.29 25.02 -24.21
N ALA A 133 5.04 24.13 -23.26
CA ALA A 133 4.99 22.70 -23.54
C ALA A 133 3.78 22.32 -24.40
N LEU A 134 2.61 22.84 -24.05
CA LEU A 134 1.40 22.51 -24.81
C LEU A 134 1.49 22.98 -26.26
N ASP A 135 1.94 24.22 -26.44
CA ASP A 135 2.06 24.81 -27.77
C ASP A 135 3.02 24.06 -28.69
N LYS A 136 4.13 23.60 -28.14
CA LYS A 136 5.14 22.92 -28.95
C LYS A 136 5.02 21.40 -29.02
N TYR A 137 4.69 20.77 -27.91
CA TYR A 137 4.60 19.32 -27.85
C TYR A 137 3.21 18.72 -27.63
N GLY A 138 2.22 19.56 -27.41
CA GLY A 138 0.87 19.04 -27.21
C GLY A 138 0.09 19.04 -28.50
N THR A 139 -1.20 18.73 -28.43
CA THR A 139 -2.04 18.71 -29.62
C THR A 139 -3.38 19.42 -29.39
N PRO A 141 -5.94 22.52 -27.69
CA PRO A 141 -5.89 23.95 -27.37
C PRO A 141 -5.91 24.11 -25.85
N LEU A 142 -5.39 25.21 -25.34
CA LEU A 142 -5.36 25.43 -23.90
C LEU A 142 -6.73 25.37 -23.23
N ASN A 143 -7.75 25.97 -23.84
CA ASN A 143 -9.08 25.96 -23.23
C ASN A 143 -9.59 24.55 -22.96
N LYS A 144 -9.20 23.60 -23.80
CA LYS A 144 -9.62 22.21 -23.66
C LYS A 144 -8.98 21.51 -22.45
N VAL A 145 -7.70 21.75 -22.23
CA VAL A 145 -7.01 21.11 -21.11
C VAL A 145 -7.24 21.85 -19.79
N VAL A 146 -7.75 23.08 -19.87
CA VAL A 146 -8.04 23.86 -18.67
C VAL A 146 -9.46 23.60 -18.18
N GLN A 147 -10.37 23.29 -19.11
CA GLN A 147 -11.77 23.06 -18.76
C GLN A 147 -12.05 22.15 -17.55
N PRO A 148 -11.37 21.00 -17.45
CA PRO A 148 -11.64 20.14 -16.28
C PRO A 148 -11.40 20.88 -14.96
N ALA A 149 -10.26 21.55 -14.86
CA ALA A 149 -9.90 22.31 -13.67
C ALA A 149 -10.90 23.43 -13.44
N PHE A 150 -11.30 24.09 -14.52
CA PHE A 150 -12.26 25.19 -14.43
C PHE A 150 -13.55 24.73 -13.74
N LYS A 151 -14.09 23.61 -14.19
CA LYS A 151 -15.33 23.08 -13.60
C LYS A 151 -15.16 22.70 -12.14
N LEU A 152 -14.01 22.13 -11.80
CA LEU A 152 -13.74 21.74 -10.42
C LEU A 152 -13.70 22.97 -9.52
N ALA A 153 -13.19 24.07 -10.06
CA ALA A 153 -13.11 25.31 -9.27
C ALA A 153 -14.49 25.95 -9.17
N ARG A 154 -15.20 26.01 -10.30
CA ARG A 154 -16.52 26.62 -10.34
C ARG A 154 -17.59 25.84 -9.57
N ASP A 155 -17.70 24.55 -9.85
CA ASP A 155 -18.70 23.71 -9.20
C ASP A 155 -18.26 23.09 -7.88
N GLY A 156 -16.95 23.10 -7.63
CA GLY A 156 -16.43 22.55 -6.39
C GLY A 156 -16.22 21.05 -6.37
N PHE A 157 -15.54 20.58 -5.32
CA PHE A 157 -15.28 19.16 -5.14
C PHE A 157 -15.28 18.88 -3.65
N ILE A 158 -15.43 17.61 -3.28
CA ILE A 158 -15.47 17.23 -1.87
C ILE A 158 -14.07 17.17 -1.26
N VAL A 159 -13.92 17.80 -0.10
CA VAL A 159 -12.64 17.82 0.61
C VAL A 159 -12.40 16.42 1.17
N ASN A 160 -11.27 15.82 0.80
CA ASN A 160 -10.93 14.47 1.27
C ASN A 160 -10.02 14.51 2.50
N ASP A 161 -9.50 13.35 2.91
CA ASP A 161 -8.63 13.29 4.08
C ASP A 161 -7.34 14.08 3.90
N ALA A 162 -6.69 13.92 2.75
CA ALA A 162 -5.45 14.61 2.48
C ALA A 162 -5.57 16.12 2.60
N LEU A 163 -6.55 16.70 1.91
CA LEU A 163 -6.74 18.14 1.93
C LEU A 163 -7.19 18.65 3.30
N ALA A 164 -8.13 17.95 3.93
CA ALA A 164 -8.61 18.36 5.25
C ALA A 164 -7.46 18.36 6.25
N ASP A 165 -6.66 17.29 6.24
CA ASP A 165 -5.53 17.18 7.16
C ASP A 165 -4.47 18.25 6.92
N ASP A 166 -4.15 18.50 5.65
CA ASP A 166 -3.15 19.52 5.34
C ASP A 166 -3.65 20.93 5.70
N LEU A 167 -4.94 21.19 5.48
CA LEU A 167 -5.49 22.51 5.81
C LEU A 167 -5.35 22.76 7.30
N LYS A 168 -5.62 21.72 8.09
CA LYS A 168 -5.54 21.80 9.54
C LYS A 168 -4.10 21.90 10.05
N THR A 169 -3.25 21.00 9.57
CA THR A 169 -1.85 20.96 9.99
C THR A 169 -0.95 22.08 9.47
N TYR A 170 -0.91 22.26 8.15
CA TYR A 170 -0.06 23.28 7.57
C TYR A 170 -0.80 24.58 7.24
N GLY A 171 -2.05 24.46 6.81
CA GLY A 171 -2.82 25.64 6.47
C GLY A 171 -3.05 26.59 7.61
N SER A 172 -3.28 26.05 8.81
CA SER A 172 -3.55 26.86 9.99
C SER A 172 -2.45 27.86 10.31
N GLU A 173 -1.24 27.58 9.83
CA GLU A 173 -0.11 28.46 10.10
C GLU A 173 -0.01 29.69 9.21
N VAL A 174 -0.70 29.68 8.07
CA VAL A 174 -0.63 30.81 7.16
C VAL A 174 -1.94 31.27 6.52
N LEU A 175 -2.82 30.34 6.18
CA LEU A 175 -4.08 30.69 5.53
C LEU A 175 -5.01 31.65 6.28
N PRO A 176 -5.27 31.39 7.57
CA PRO A 176 -6.17 32.32 8.27
C PRO A 176 -5.58 33.71 8.53
N ASN A 177 -4.30 33.89 8.21
CA ASN A 177 -3.64 35.17 8.44
C ASN A 177 -3.78 36.17 7.29
N HIS A 178 -4.53 35.78 6.26
CA HIS A 178 -4.76 36.64 5.11
C HIS A 178 -6.25 36.55 4.77
N GLU A 179 -6.92 37.69 4.76
CA GLU A 179 -8.35 37.75 4.49
C GLU A 179 -8.84 36.98 3.27
N ASN A 180 -8.23 37.22 2.11
CA ASN A 180 -8.69 36.52 0.91
C ASN A 180 -8.49 35.01 0.99
N SER A 181 -7.37 34.58 1.59
CA SER A 181 -7.09 33.16 1.73
C SER A 181 -8.09 32.51 2.69
N LYS A 182 -8.33 33.17 3.82
CA LYS A 182 -9.25 32.66 4.81
C LYS A 182 -10.67 32.52 4.26
N ALA A 183 -11.05 33.44 3.40
CA ALA A 183 -12.39 33.43 2.80
C ALA A 183 -12.62 32.22 1.90
N ILE A 184 -11.53 31.65 1.40
CA ILE A 184 -11.64 30.51 0.51
C ILE A 184 -11.47 29.16 1.21
N PHE A 185 -10.45 29.05 2.03
CA PHE A 185 -10.13 27.79 2.69
C PHE A 185 -10.64 27.55 4.10
N TRP A 186 -11.12 28.60 4.76
CA TRP A 186 -11.65 28.48 6.12
C TRP A 186 -13.18 28.56 6.06
N LYS A 187 -13.84 27.96 7.04
CA LYS A 187 -15.29 27.97 7.10
C LYS A 187 -15.76 27.90 8.55
N GLU A 188 -16.63 28.83 8.94
CA GLU A 188 -17.14 28.86 10.30
C GLU A 188 -16.00 28.87 11.33
N GLY A 189 -14.97 29.65 11.02
CA GLY A 189 -13.82 29.80 11.91
C GLY A 189 -12.80 28.67 11.97
N GLU A 190 -13.00 27.63 11.16
CA GLU A 190 -12.08 26.50 11.16
C GLU A 190 -11.73 26.09 9.73
N PRO A 191 -10.65 25.31 9.56
CA PRO A 191 -10.33 24.91 8.19
C PRO A 191 -11.42 23.98 7.68
N LEU A 192 -11.61 23.94 6.36
CA LEU A 192 -12.62 23.06 5.79
C LEU A 192 -12.33 21.65 6.27
N LYS A 193 -13.38 20.90 6.56
CA LYS A 193 -13.25 19.53 7.07
C LYS A 193 -13.61 18.51 5.99
N LYS A 194 -13.22 17.25 6.21
CA LYS A 194 -13.51 16.20 5.25
C LYS A 194 -15.02 16.14 5.02
N GLY A 195 -15.43 16.03 3.76
CA GLY A 195 -16.85 15.98 3.46
C GLY A 195 -17.39 17.33 3.01
N ASP A 196 -16.70 18.40 3.39
CA ASP A 196 -17.12 19.75 2.99
C ASP A 196 -16.85 19.92 1.50
N THR A 197 -17.56 20.86 0.88
CA THR A 197 -17.36 21.12 -0.54
C THR A 197 -16.55 22.41 -0.67
N LEU A 198 -15.46 22.33 -1.43
CA LEU A 198 -14.62 23.50 -1.65
C LEU A 198 -14.89 24.06 -3.03
N VAL A 199 -15.45 25.27 -3.08
CA VAL A 199 -15.74 25.97 -4.32
C VAL A 199 -14.77 27.13 -4.35
N GLN A 200 -14.13 27.34 -5.50
CA GLN A 200 -13.17 28.44 -5.65
C GLN A 200 -13.57 29.29 -6.85
N ALA A 201 -14.54 30.17 -6.61
CA ALA A 201 -15.05 31.06 -7.66
C ALA A 201 -14.02 31.98 -8.28
N ASN A 202 -13.15 32.58 -7.48
CA ASN A 202 -12.15 33.47 -8.03
C ASN A 202 -11.17 32.71 -8.91
N LEU A 203 -10.73 31.55 -8.44
CA LEU A 203 -9.79 30.73 -9.19
C LEU A 203 -10.47 30.28 -10.48
N ALA A 204 -11.78 30.05 -10.43
CA ALA A 204 -12.51 29.64 -11.60
C ALA A 204 -12.49 30.76 -12.64
N LYS A 205 -12.62 31.99 -12.18
CA LYS A 205 -12.59 33.13 -13.10
C LYS A 205 -11.19 33.25 -13.72
N SER A 206 -10.17 33.06 -12.89
CA SER A 206 -8.79 33.13 -13.39
C SER A 206 -8.56 32.06 -14.46
N LEU A 207 -9.05 30.86 -14.20
CA LEU A 207 -8.90 29.76 -15.14
C LEU A 207 -9.66 30.03 -16.44
N GLU A 208 -10.87 30.54 -16.32
CA GLU A 208 -11.69 30.86 -17.49
C GLU A 208 -11.03 31.90 -18.37
N ILE A 210 -7.83 32.53 -18.54
CA ILE A 210 -6.60 31.97 -19.11
C ILE A 210 -7.00 31.12 -20.31
N ALA A 211 -8.07 30.34 -20.16
CA ALA A 211 -8.54 29.49 -21.24
C ALA A 211 -8.95 30.34 -22.44
N GLU A 212 -9.60 31.47 -22.16
CA GLU A 212 -10.07 32.36 -23.21
C GLU A 212 -9.02 33.26 -23.84
N ASN A 213 -8.11 33.79 -23.03
CA ASN A 213 -7.09 34.70 -23.54
C ASN A 213 -5.67 34.16 -23.64
N GLY A 214 -5.44 32.95 -23.16
CA GLY A 214 -4.11 32.37 -23.22
C GLY A 214 -3.26 32.76 -22.02
N PRO A 215 -2.00 32.31 -21.97
CA PRO A 215 -1.12 32.64 -20.84
C PRO A 215 -0.91 34.13 -20.60
N ASP A 216 -1.15 34.94 -21.63
CA ASP A 216 -0.99 36.39 -21.51
C ASP A 216 -1.90 36.95 -20.41
N GLU A 217 -3.00 36.26 -20.12
CA GLU A 217 -3.92 36.71 -19.09
C GLU A 217 -3.19 36.72 -17.74
N PHE A 218 -2.36 35.72 -17.52
CA PHE A 218 -1.62 35.60 -16.28
C PHE A 218 -0.46 36.59 -16.16
N TYR A 219 0.28 36.75 -17.25
CA TYR A 219 1.47 37.60 -17.26
C TYR A 219 1.28 39.07 -17.67
N LYS A 220 0.18 39.38 -18.34
CA LYS A 220 -0.06 40.75 -18.77
C LYS A 220 -1.49 41.22 -18.52
N GLY A 221 -2.39 40.26 -18.28
CA GLY A 221 -3.79 40.59 -18.07
C GLY A 221 -4.26 40.91 -16.66
N THR A 222 -5.54 40.62 -16.42
CA THR A 222 -6.15 40.90 -15.12
C THR A 222 -5.46 40.19 -13.96
N ILE A 223 -5.03 38.95 -14.18
CA ILE A 223 -4.34 38.19 -13.13
C ILE A 223 -3.04 38.88 -12.74
N ALA A 224 -2.30 39.35 -13.75
CA ALA A 224 -1.04 40.03 -13.51
C ALA A 224 -1.30 41.26 -12.65
N GLU A 225 -2.39 41.95 -12.97
CA GLU A 225 -2.81 43.14 -12.23
C GLU A 225 -3.06 42.78 -10.77
N GLN A 226 -3.81 41.70 -10.56
CA GLN A 226 -4.15 41.26 -9.21
C GLN A 226 -2.92 40.88 -8.39
N ILE A 227 -1.93 40.26 -9.04
CA ILE A 227 -0.71 39.89 -8.35
C ILE A 227 0.09 41.14 -8.01
N ALA A 228 0.25 42.03 -8.98
CA ALA A 228 1.01 43.26 -8.79
C ALA A 228 0.42 44.10 -7.65
N GLN A 229 -0.90 44.24 -7.63
CA GLN A 229 -1.57 45.00 -6.59
C GLN A 229 -1.39 44.36 -5.21
N GLU A 230 -1.48 43.03 -5.17
CA GLU A 230 -1.32 42.30 -3.92
C GLU A 230 0.05 42.61 -3.35
N GLN A 232 2.17 45.34 -4.29
CA GLN A 232 2.31 46.77 -4.04
C GLN A 232 1.66 47.23 -2.74
N LYS A 233 0.53 46.63 -2.39
CA LYS A 233 -0.20 47.02 -1.17
C LYS A 233 0.36 46.39 0.10
N ASN A 234 1.14 45.32 -0.04
CA ASN A 234 1.67 44.63 1.12
C ASN A 234 3.18 44.44 1.19
N GLY A 235 3.93 45.38 0.64
CA GLY A 235 5.38 45.29 0.70
C GLY A 235 6.02 44.20 -0.14
N GLY A 236 5.33 43.78 -1.20
CA GLY A 236 5.87 42.76 -2.08
C GLY A 236 6.67 43.40 -3.19
N LEU A 237 7.42 42.59 -3.95
CA LEU A 237 8.25 43.13 -5.02
C LEU A 237 7.80 42.83 -6.46
N ILE A 238 7.07 41.74 -6.66
CA ILE A 238 6.63 41.41 -8.02
C ILE A 238 5.80 42.52 -8.65
N THR A 239 6.28 43.02 -9.79
CA THR A 239 5.58 44.09 -10.51
C THR A 239 5.05 43.58 -11.84
N LYS A 240 4.31 44.44 -12.53
CA LYS A 240 3.77 44.10 -13.83
C LYS A 240 4.94 43.84 -14.79
N GLU A 241 6.03 44.57 -14.60
CA GLU A 241 7.21 44.40 -15.45
C GLU A 241 7.82 43.01 -15.25
N ASP A 242 7.88 42.57 -14.00
CA ASP A 242 8.44 41.24 -13.71
C ASP A 242 7.61 40.17 -14.41
N LEU A 243 6.29 40.29 -14.28
CA LEU A 243 5.39 39.33 -14.89
C LEU A 243 5.50 39.33 -16.41
N ALA A 244 5.59 40.52 -16.99
CA ALA A 244 5.71 40.64 -18.44
C ALA A 244 7.04 40.09 -18.95
N ALA A 245 8.05 40.14 -18.10
CA ALA A 245 9.38 39.68 -18.47
C ALA A 245 9.63 38.20 -18.21
N TYR A 246 8.73 37.54 -17.48
CA TYR A 246 8.94 36.12 -17.20
C TYR A 246 8.92 35.28 -18.47
N LYS A 247 9.71 34.21 -18.46
CA LYS A 247 9.75 33.30 -19.59
C LYS A 247 10.13 31.92 -19.12
N ALA A 248 9.45 30.91 -19.65
CA ALA A 248 9.77 29.52 -19.33
C ALA A 248 10.89 29.27 -20.32
N VAL A 249 11.79 28.35 -19.99
CA VAL A 249 12.92 28.07 -20.87
C VAL A 249 13.14 26.60 -21.14
N GLU A 250 13.20 26.22 -22.42
CA GLU A 250 13.47 24.84 -22.75
C GLU A 250 14.97 24.67 -22.66
N ARG A 251 15.41 23.66 -21.90
CA ARG A 251 16.83 23.40 -21.69
C ARG A 251 17.17 21.95 -21.96
N THR A 252 18.46 21.69 -22.21
CA THR A 252 18.91 20.33 -22.47
C THR A 252 18.96 19.58 -21.15
N PRO A 253 18.36 18.38 -21.11
CA PRO A 253 18.36 17.60 -19.87
C PRO A 253 19.77 17.21 -19.45
N ILE A 254 19.95 16.96 -18.16
CA ILE A 254 21.24 16.48 -17.67
C ILE A 254 21.05 14.98 -17.70
N SER A 255 22.05 14.24 -18.17
CA SER A 255 21.89 12.79 -18.23
C SER A 255 23.19 12.03 -18.00
N GLY A 256 23.04 10.74 -17.73
CA GLY A 256 24.20 9.90 -17.52
C GLY A 256 23.88 8.47 -17.91
N ASP A 257 24.83 7.58 -17.66
CA ASP A 257 24.65 6.16 -17.98
C ASP A 257 24.99 5.37 -16.72
N TYR A 258 24.06 4.54 -16.28
CA TYR A 258 24.26 3.71 -15.09
C TYR A 258 24.07 2.25 -15.48
N ARG A 259 25.16 1.50 -15.53
CA ARG A 259 25.13 0.09 -15.88
C ARG A 259 24.40 -0.19 -17.20
N GLY A 260 24.50 0.72 -18.16
CA GLY A 260 23.84 0.51 -19.43
C GLY A 260 22.46 1.14 -19.57
N TYR A 261 21.99 1.75 -18.49
CA TYR A 261 20.69 2.42 -18.50
C TYR A 261 21.03 3.90 -18.61
N GLN A 262 20.25 4.66 -19.38
CA GLN A 262 20.53 6.09 -19.49
C GLN A 262 19.50 6.80 -18.63
N VAL A 263 19.98 7.70 -17.78
CA VAL A 263 19.12 8.44 -16.87
C VAL A 263 19.05 9.91 -17.26
N TYR A 264 17.84 10.41 -17.46
CA TYR A 264 17.62 11.80 -17.85
C TYR A 264 16.87 12.55 -16.76
N SER A 265 17.38 13.72 -16.38
CA SER A 265 16.70 14.51 -15.37
C SER A 265 16.88 16.00 -15.60
N PRO A 267 18.27 19.80 -15.48
CA PRO A 267 19.55 20.50 -15.44
C PRO A 267 19.35 21.79 -14.65
N PRO A 268 20.43 22.54 -14.40
CA PRO A 268 20.28 23.80 -13.66
C PRO A 268 19.23 24.63 -14.40
N PRO A 269 18.44 25.46 -13.70
CA PRO A 269 18.38 25.81 -12.28
C PRO A 269 18.09 24.73 -11.24
N SER A 270 18.01 23.47 -11.66
CA SER A 270 17.79 22.41 -10.69
C SER A 270 19.11 21.70 -10.47
N SER A 271 19.29 21.16 -9.27
CA SER A 271 20.50 20.43 -8.92
C SER A 271 20.22 18.93 -8.98
N GLY A 272 18.94 18.59 -9.12
CA GLY A 272 18.53 17.20 -9.17
C GLY A 272 19.26 16.31 -10.16
N GLY A 273 19.18 16.66 -11.44
CA GLY A 273 19.83 15.85 -12.46
C GLY A 273 21.30 15.62 -12.23
N ILE A 274 22.04 16.70 -11.98
CA ILE A 274 23.47 16.58 -11.75
C ILE A 274 23.85 15.66 -10.59
N HIS A 275 23.21 15.82 -9.44
CA HIS A 275 23.58 14.98 -8.31
C HIS A 275 23.08 13.54 -8.39
N ILE A 276 21.97 13.32 -9.08
CA ILE A 276 21.48 11.94 -9.22
C ILE A 276 22.48 11.21 -10.12
N VAL A 277 22.90 11.87 -11.20
CA VAL A 277 23.87 11.28 -12.13
C VAL A 277 25.22 11.10 -11.42
N GLN A 278 25.63 12.12 -10.67
CA GLN A 278 26.90 12.06 -9.95
C GLN A 278 26.90 10.88 -8.97
N ILE A 279 25.86 10.78 -8.16
CA ILE A 279 25.78 9.70 -7.18
C ILE A 279 25.72 8.34 -7.88
N LEU A 280 24.94 8.22 -8.94
CA LEU A 280 24.87 6.95 -9.66
C LEU A 280 26.27 6.61 -10.19
N ASN A 281 26.98 7.62 -10.68
CA ASN A 281 28.34 7.38 -11.19
C ASN A 281 29.20 6.78 -10.08
N ILE A 282 29.06 7.30 -8.87
CA ILE A 282 29.82 6.82 -7.72
C ILE A 282 29.42 5.37 -7.42
N LEU A 283 28.12 5.14 -7.28
CA LEU A 283 27.61 3.80 -6.97
C LEU A 283 27.97 2.73 -8.01
N GLU A 284 28.09 3.14 -9.27
CA GLU A 284 28.40 2.21 -10.34
C GLU A 284 29.69 1.44 -10.06
N ASN A 285 30.56 2.01 -9.23
CA ASN A 285 31.82 1.37 -8.89
C ASN A 285 31.68 0.24 -7.87
N PHE A 286 30.48 0.10 -7.32
CA PHE A 286 30.22 -0.94 -6.33
C PHE A 286 29.19 -1.94 -6.88
N ASP A 287 29.24 -3.17 -6.38
CA ASP A 287 28.31 -4.21 -6.79
C ASP A 287 27.08 -4.10 -5.89
N LYS A 289 23.94 -4.70 -6.32
CA LYS A 289 23.06 -5.86 -6.34
C LYS A 289 23.48 -6.89 -5.31
N LYS A 290 24.78 -7.12 -5.22
CA LYS A 290 25.34 -8.09 -4.28
C LYS A 290 25.02 -7.74 -2.82
N TYR A 291 25.11 -6.47 -2.48
CA TYR A 291 24.82 -6.05 -1.11
C TYR A 291 23.32 -6.15 -0.84
N GLY A 292 22.52 -5.67 -1.78
CA GLY A 292 21.08 -5.77 -1.65
C GLY A 292 20.39 -4.69 -0.83
N PHE A 293 19.10 -4.52 -1.09
CA PHE A 293 18.29 -3.53 -0.40
C PHE A 293 18.28 -3.76 1.11
N GLY A 294 18.29 -2.67 1.87
CA GLY A 294 18.23 -2.76 3.31
C GLY A 294 19.47 -3.32 4.00
N SER A 295 20.56 -3.48 3.26
CA SER A 295 21.80 -3.99 3.84
C SER A 295 22.60 -2.80 4.38
N ALA A 296 23.30 -3.00 5.49
CA ALA A 296 24.09 -1.93 6.09
C ALA A 296 25.13 -1.42 5.09
N ASP A 297 25.72 -2.35 4.32
CA ASP A 297 26.74 -1.95 3.36
C ASP A 297 26.19 -1.08 2.23
N ALA A 298 25.06 -1.47 1.65
CA ALA A 298 24.46 -0.69 0.57
C ALA A 298 24.13 0.72 1.08
N GLN A 300 25.45 2.26 3.66
CA GLN A 300 26.69 2.93 4.00
C GLN A 300 27.27 3.58 2.74
N ILE A 301 27.38 2.79 1.67
CA ILE A 301 27.92 3.26 0.41
C ILE A 301 27.15 4.48 -0.12
N ALA A 303 25.01 6.51 1.56
CA ALA A 303 25.03 7.63 2.47
C ALA A 303 26.33 8.42 2.27
N GLU A 304 27.44 7.70 2.12
CA GLU A 304 28.73 8.34 1.92
C GLU A 304 28.76 9.09 0.59
N ALA A 305 28.29 8.43 -0.47
CA ALA A 305 28.27 9.05 -1.79
C ALA A 305 27.44 10.33 -1.76
N GLU A 306 26.32 10.28 -1.05
CA GLU A 306 25.43 11.42 -0.94
C GLU A 306 26.10 12.63 -0.28
N LYS A 307 26.96 12.38 0.69
CA LYS A 307 27.66 13.46 1.38
C LYS A 307 28.44 14.35 0.40
N TYR A 308 29.27 13.72 -0.42
CA TYR A 308 30.09 14.45 -1.39
C TYR A 308 29.24 15.23 -2.38
N ALA A 309 28.11 14.66 -2.78
CA ALA A 309 27.23 15.31 -3.74
C ALA A 309 26.63 16.60 -3.15
N TYR A 310 26.11 16.51 -1.94
CA TYR A 310 25.50 17.67 -1.31
C TYR A 310 26.55 18.74 -0.96
N ALA A 311 27.79 18.32 -0.73
CA ALA A 311 28.85 19.26 -0.44
C ALA A 311 29.10 20.06 -1.72
N ASP A 312 29.16 19.34 -2.85
CA ASP A 312 29.35 19.98 -4.14
C ASP A 312 28.17 20.88 -4.47
N ARG A 313 26.97 20.43 -4.12
CA ARG A 313 25.77 21.19 -4.39
C ARG A 313 25.84 22.59 -3.76
N SER A 314 26.35 22.66 -2.54
CA SER A 314 26.43 23.93 -1.80
C SER A 314 27.38 24.95 -2.43
N GLU A 315 28.28 24.48 -3.28
CA GLU A 315 29.27 25.37 -3.89
C GLU A 315 29.14 25.64 -5.38
N TYR A 316 28.80 24.62 -6.15
CA TYR A 316 28.74 24.74 -7.61
C TYR A 316 27.41 24.93 -8.30
N LEU A 317 26.32 24.75 -7.59
CA LEU A 317 25.00 24.85 -8.21
C LEU A 317 24.25 26.17 -8.08
N GLY A 318 23.71 26.64 -9.21
CA GLY A 318 22.96 27.88 -9.25
C GLY A 318 22.32 28.06 -10.61
N ASP A 319 21.62 29.17 -10.81
CA ASP A 319 20.97 29.48 -12.07
C ASP A 319 22.08 29.58 -13.12
N PRO A 320 22.06 28.70 -14.14
CA PRO A 320 23.08 28.71 -15.19
C PRO A 320 23.15 29.99 -16.02
N ASP A 321 22.08 30.78 -16.02
CA ASP A 321 22.06 32.01 -16.79
C ASP A 321 22.83 33.11 -16.03
N PHE A 322 23.21 32.81 -14.79
CA PHE A 322 23.96 33.77 -13.98
C PHE A 322 25.33 33.27 -13.54
N VAL A 323 25.48 31.96 -13.39
CA VAL A 323 26.75 31.40 -12.98
C VAL A 323 27.08 30.17 -13.81
N LYS A 324 28.36 29.96 -14.07
CA LYS A 324 28.79 28.81 -14.85
C LYS A 324 28.85 27.59 -13.94
N VAL A 325 27.96 26.62 -14.20
CA VAL A 325 27.92 25.40 -13.41
C VAL A 325 28.82 24.36 -14.07
N PRO A 326 29.78 23.81 -13.31
CA PRO A 326 30.69 22.81 -13.86
C PRO A 326 30.01 21.45 -13.92
N TRP A 327 28.94 21.36 -14.70
CA TRP A 327 28.18 20.11 -14.81
C TRP A 327 28.94 18.96 -15.44
N GLN A 328 29.85 19.26 -16.37
CA GLN A 328 30.63 18.21 -17.01
C GLN A 328 31.51 17.51 -15.97
N ALA A 329 32.21 18.31 -15.17
CA ALA A 329 33.08 17.76 -14.14
C ALA A 329 32.30 17.00 -13.08
N LEU A 330 31.18 17.57 -12.64
CA LEU A 330 30.36 16.95 -11.62
C LEU A 330 29.77 15.61 -12.05
N THR A 331 29.55 15.44 -13.35
CA THR A 331 28.99 14.19 -13.87
C THR A 331 30.04 13.34 -14.57
N ASN A 332 31.30 13.66 -14.35
CA ASN A 332 32.44 12.95 -14.92
C ASN A 332 32.68 11.66 -14.13
N LYS A 333 32.81 10.54 -14.83
CA LYS A 333 33.01 9.25 -14.15
C LYS A 333 34.35 9.11 -13.45
N ALA A 334 35.37 9.84 -13.91
CA ALA A 334 36.69 9.77 -13.27
C ALA A 334 36.57 10.48 -11.91
N TYR A 335 35.84 11.60 -11.89
CA TYR A 335 35.64 12.34 -10.65
C TYR A 335 34.86 11.45 -9.69
N ALA A 336 33.84 10.79 -10.20
CA ALA A 336 33.03 9.88 -9.38
C ALA A 336 33.90 8.77 -8.81
N LYS A 337 34.84 8.28 -9.62
CA LYS A 337 35.74 7.21 -9.19
C LYS A 337 36.63 7.69 -8.04
N SER A 338 37.07 8.95 -8.11
CA SER A 338 37.93 9.49 -7.07
C SER A 338 37.16 9.56 -5.75
N ILE A 339 35.85 9.73 -5.85
CA ILE A 339 35.00 9.80 -4.66
C ILE A 339 34.76 8.39 -4.13
N ALA A 340 34.46 7.46 -5.03
CA ALA A 340 34.20 6.09 -4.63
C ALA A 340 35.41 5.51 -3.91
N ASP A 341 36.60 5.89 -4.32
CA ASP A 341 37.81 5.38 -3.69
C ASP A 341 37.97 5.85 -2.24
N GLN A 342 37.28 6.93 -1.89
CA GLN A 342 37.35 7.49 -0.54
C GLN A 342 36.32 6.84 0.38
N ILE A 343 35.41 6.06 -0.19
CA ILE A 343 34.37 5.40 0.60
C ILE A 343 34.84 4.13 1.30
N ASP A 344 34.80 4.14 2.63
CA ASP A 344 35.18 2.98 3.43
C ASP A 344 33.87 2.34 3.87
N ILE A 345 33.60 1.13 3.36
CA ILE A 345 32.35 0.45 3.70
C ILE A 345 32.20 0.13 5.18
N ASN A 346 33.30 0.21 5.93
CA ASN A 346 33.25 -0.09 7.36
C ASN A 346 33.43 1.12 8.26
N LYS A 347 33.59 2.30 7.67
CA LYS A 347 33.78 3.50 8.47
C LYS A 347 33.36 4.77 7.74
N ALA A 348 32.32 5.43 8.27
CA ALA A 348 31.81 6.65 7.68
C ALA A 348 32.77 7.83 7.91
N LYS A 349 32.80 8.76 6.96
CA LYS A 349 33.66 9.93 7.07
C LYS A 349 32.80 11.10 7.52
N PRO A 350 33.15 11.70 8.67
CA PRO A 350 32.38 12.84 9.19
C PRO A 350 32.23 13.93 8.12
N SER A 351 31.07 14.58 8.09
CA SER A 351 30.84 15.63 7.11
C SER A 351 31.84 16.75 7.29
N SER A 352 32.35 16.90 8.51
CA SER A 352 33.33 17.94 8.82
C SER A 352 34.62 17.75 8.04
N GLU A 353 34.86 16.52 7.57
CA GLU A 353 36.07 16.22 6.81
C GLU A 353 35.79 16.21 5.32
N ILE A 354 34.58 16.61 4.94
CA ILE A 354 34.19 16.64 3.53
C ILE A 354 33.89 18.06 3.07
N ARG A 355 34.56 18.47 2.00
CA ARG A 355 34.41 19.80 1.41
C ARG A 355 34.06 19.62 -0.07
N PRO A 356 33.63 20.71 -0.73
CA PRO A 356 33.32 20.59 -2.16
C PRO A 356 34.56 20.06 -2.85
N GLY A 357 34.38 19.19 -3.84
CA GLY A 357 35.52 18.62 -4.53
C GLY A 357 36.31 19.58 -5.39
N LYS A 358 37.54 19.23 -5.68
CA LYS A 358 38.40 20.04 -6.54
C LYS A 358 38.16 19.49 -7.94
N LEU A 359 37.45 20.26 -8.77
CA LEU A 359 37.08 19.84 -10.11
C LEU A 359 38.09 20.10 -11.23
N ALA A 360 39.10 20.91 -10.97
CA ALA A 360 40.11 21.26 -11.97
C ALA A 360 40.59 20.12 -12.87
N PRO A 361 41.06 19.02 -12.28
CA PRO A 361 41.54 17.89 -13.09
C PRO A 361 40.50 17.20 -13.94
N TYR A 362 39.23 17.60 -13.81
CA TYR A 362 38.15 16.98 -14.56
C TYR A 362 37.47 17.98 -15.49
N GLU A 363 38.10 19.12 -15.71
CA GLU A 363 37.55 20.16 -16.57
C GLU A 363 38.50 20.46 -17.73
N THR B 1 5.34 20.70 -2.67
CA THR B 1 5.73 20.15 -3.96
C THR B 1 4.90 18.91 -4.28
N THR B 2 4.72 18.63 -5.56
CA THR B 2 3.99 17.44 -5.97
C THR B 2 4.54 17.00 -7.33
N HIS B 3 4.55 15.69 -7.54
CA HIS B 3 5.04 15.13 -8.80
C HIS B 3 4.03 14.19 -9.42
N TYR B 4 3.93 14.21 -10.75
CA TYR B 4 3.04 13.32 -11.44
C TYR B 4 3.69 12.84 -12.74
N SER B 5 3.31 11.64 -13.17
CA SER B 5 3.89 11.06 -14.37
C SER B 5 2.78 10.64 -15.33
N VAL B 6 3.07 10.71 -16.63
CA VAL B 6 2.12 10.35 -17.66
C VAL B 6 2.79 9.64 -18.83
N VAL B 7 2.12 8.60 -19.34
CA VAL B 7 2.60 7.87 -20.51
C VAL B 7 1.36 7.59 -21.36
N ASP B 8 1.40 7.98 -22.63
CA ASP B 8 0.24 7.75 -23.50
C ASP B 8 0.34 6.49 -24.34
N LYS B 9 -0.71 6.24 -25.12
CA LYS B 9 -0.81 5.07 -25.98
C LYS B 9 0.29 4.97 -27.03
N ASP B 10 0.86 6.11 -27.41
CA ASP B 10 1.91 6.15 -28.42
C ASP B 10 3.30 5.93 -27.84
N GLY B 11 3.39 5.93 -26.51
CA GLY B 11 4.68 5.73 -25.88
C GLY B 11 5.36 7.03 -25.47
N ASN B 12 4.66 8.15 -25.58
CA ASN B 12 5.22 9.42 -25.18
C ASN B 12 5.15 9.47 -23.65
N ALA B 13 6.13 10.10 -23.03
CA ALA B 13 6.16 10.18 -21.56
C ALA B 13 6.43 11.60 -21.09
N VAL B 14 5.87 11.94 -19.94
CA VAL B 14 6.05 13.26 -19.35
C VAL B 14 6.14 13.09 -17.83
N ALA B 15 7.09 13.80 -17.22
CA ALA B 15 7.28 13.76 -15.78
C ALA B 15 7.26 15.22 -15.33
N VAL B 16 6.34 15.55 -14.42
CA VAL B 16 6.23 16.92 -13.94
C VAL B 16 6.33 17.05 -12.44
N THR B 17 7.19 17.95 -11.98
CA THR B 17 7.29 18.23 -10.54
C THR B 17 7.12 19.74 -10.47
N TYR B 18 6.12 20.21 -9.71
CA TYR B 18 5.99 21.66 -9.56
C TYR B 18 5.55 21.96 -8.15
N THR B 19 5.66 23.22 -7.73
CA THR B 19 5.40 23.51 -6.33
C THR B 19 5.22 24.98 -5.98
N LEU B 20 4.76 25.23 -4.75
CA LEU B 20 4.61 26.58 -4.19
C LEU B 20 5.75 26.69 -3.18
N ASN B 21 6.49 25.59 -3.07
CA ASN B 21 7.61 25.35 -2.16
C ASN B 21 7.00 24.66 -0.93
N THR B 22 6.83 25.38 0.18
CA THR B 22 6.24 24.72 1.36
C THR B 22 4.75 24.52 1.11
N THR B 23 4.10 23.77 2.00
CA THR B 23 2.67 23.49 1.86
C THR B 23 1.83 24.76 1.88
N PHE B 24 1.15 25.03 0.77
CA PHE B 24 0.32 26.22 0.60
C PHE B 24 1.18 27.45 0.36
N GLY B 25 2.50 27.25 0.24
CA GLY B 25 3.40 28.36 0.02
C GLY B 25 3.26 29.39 1.14
N THR B 26 3.24 30.66 0.78
CA THR B 26 3.11 31.74 1.76
C THR B 26 1.73 31.73 2.40
N GLY B 27 0.78 31.06 1.76
CA GLY B 27 -0.58 31.03 2.27
C GLY B 27 -1.28 32.31 1.87
N ILE B 28 -0.62 33.08 1.00
CA ILE B 28 -1.17 34.34 0.51
C ILE B 28 -1.81 34.20 -0.86
N VAL B 29 -3.06 34.59 -0.97
CA VAL B 29 -3.75 34.54 -2.26
C VAL B 29 -3.58 35.93 -2.89
N ALA B 30 -3.32 35.95 -4.19
CA ALA B 30 -3.12 37.21 -4.89
C ALA B 30 -4.44 37.91 -5.19
N GLY B 31 -4.82 38.86 -4.34
CA GLY B 31 -6.06 39.58 -4.53
C GLY B 31 -7.28 38.69 -4.74
N GLU B 32 -8.10 39.05 -5.73
CA GLU B 32 -9.29 38.28 -6.03
C GLU B 32 -9.07 37.26 -7.14
N SER B 33 -7.84 36.78 -7.28
CA SER B 33 -7.50 35.81 -8.31
C SER B 33 -7.71 34.38 -7.82
N GLY B 34 -7.74 34.20 -6.50
CA GLY B 34 -7.90 32.88 -5.93
C GLY B 34 -6.63 32.04 -6.03
N ILE B 35 -5.54 32.67 -6.45
CA ILE B 35 -4.25 31.98 -6.64
C ILE B 35 -3.28 32.15 -5.46
N LEU B 36 -2.87 31.02 -4.86
CA LEU B 36 -1.93 31.05 -3.75
C LEU B 36 -0.53 31.37 -4.26
N LEU B 37 0.21 32.17 -3.50
CA LEU B 37 1.56 32.57 -3.91
C LEU B 37 2.67 31.76 -3.24
N ASN B 38 3.64 31.37 -4.06
CA ASN B 38 4.80 30.58 -3.63
C ASN B 38 5.73 31.31 -2.67
N ASN B 39 6.52 30.53 -1.93
CA ASN B 39 7.56 31.10 -1.07
C ASN B 39 8.87 30.47 -1.54
N GLN B 40 9.05 30.46 -2.85
CA GLN B 40 10.24 29.87 -3.48
C GLN B 40 11.54 30.63 -3.19
N ASP B 42 12.91 31.21 -0.58
CA ASP B 42 13.69 30.59 0.49
C ASP B 42 14.67 29.56 -0.07
N ASP B 43 14.54 29.23 -1.35
CA ASP B 43 15.44 28.27 -1.96
C ASP B 43 16.79 28.89 -2.31
N PHE B 44 16.85 30.22 -2.26
CA PHE B 44 18.10 30.94 -2.50
C PHE B 44 18.87 30.82 -1.19
N SER B 45 20.17 31.07 -1.23
CA SER B 45 20.96 31.08 -0.01
C SER B 45 20.80 32.52 0.49
N ALA B 46 20.24 32.71 1.68
CA ALA B 46 20.02 34.05 2.23
C ALA B 46 21.33 34.67 2.70
N LYS B 47 22.25 33.82 3.12
CA LYS B 47 23.55 34.25 3.60
C LYS B 47 24.46 33.02 3.56
N PRO B 48 25.70 33.19 3.09
CA PRO B 48 26.63 32.05 3.01
C PRO B 48 26.76 31.29 4.33
N GLY B 49 26.56 29.98 4.27
CA GLY B 49 26.73 29.15 5.47
C GLY B 49 25.53 28.98 6.37
N VAL B 50 24.43 29.68 6.09
CA VAL B 50 23.22 29.57 6.90
C VAL B 50 22.24 28.69 6.14
N PRO B 51 21.74 27.62 6.78
CA PRO B 51 20.78 26.72 6.11
C PRO B 51 19.37 27.28 5.95
N ASN B 52 18.68 26.83 4.91
CA ASN B 52 17.31 27.27 4.67
C ASN B 52 16.38 26.25 5.31
N VAL B 53 15.09 26.32 4.99
CA VAL B 53 14.13 25.42 5.60
C VAL B 53 14.41 23.92 5.44
N TYR B 54 15.16 23.55 4.41
CA TYR B 54 15.49 22.13 4.18
C TYR B 54 16.88 21.75 4.67
N GLY B 55 17.55 22.69 5.32
CA GLY B 55 18.88 22.41 5.83
C GLY B 55 19.96 22.54 4.76
N LEU B 56 19.60 23.10 3.61
CA LEU B 56 20.54 23.29 2.52
C LEU B 56 21.28 24.61 2.68
N VAL B 57 22.53 24.64 2.26
CA VAL B 57 23.34 25.85 2.35
C VAL B 57 23.93 26.23 1.00
N GLY B 58 24.43 27.45 0.90
CA GLY B 58 25.01 27.90 -0.35
C GLY B 58 25.96 29.06 -0.15
N GLY B 59 26.32 29.69 -1.26
CA GLY B 59 27.22 30.82 -1.24
C GLY B 59 26.91 31.78 -2.37
N ASP B 60 27.90 32.03 -3.21
CA ASP B 60 27.73 32.94 -4.35
C ASP B 60 26.83 32.41 -5.45
N ALA B 61 27.06 31.16 -5.85
CA ALA B 61 26.30 30.54 -6.93
C ALA B 61 24.79 30.63 -6.75
N ASN B 62 24.31 30.33 -5.54
CA ASN B 62 22.88 30.36 -5.27
C ASN B 62 22.43 31.56 -4.43
N ALA B 63 23.17 32.66 -4.49
CA ALA B 63 22.81 33.85 -3.74
C ALA B 63 21.61 34.53 -4.40
N VAL B 64 20.83 35.28 -3.64
CA VAL B 64 19.69 35.99 -4.20
C VAL B 64 20.18 37.05 -5.17
N GLY B 65 19.48 37.18 -6.28
CA GLY B 65 19.84 38.17 -7.29
C GLY B 65 18.61 38.49 -8.11
N PRO B 66 18.53 39.71 -8.67
CA PRO B 66 17.36 40.07 -9.48
C PRO B 66 17.22 39.17 -10.71
N ASN B 67 15.98 38.77 -11.00
CA ASN B 67 15.66 37.93 -12.16
C ASN B 67 16.26 36.54 -12.12
N LYS B 68 16.92 36.19 -11.02
CA LYS B 68 17.56 34.90 -10.89
C LYS B 68 16.58 33.81 -10.46
N ARG B 69 16.82 32.59 -10.93
CA ARG B 69 15.98 31.45 -10.58
C ARG B 69 16.65 30.74 -9.41
N PRO B 70 15.98 30.65 -8.26
CA PRO B 70 16.58 29.98 -7.10
C PRO B 70 16.83 28.50 -7.39
N LEU B 71 17.93 27.98 -6.87
CA LEU B 71 18.28 26.58 -7.07
C LEU B 71 17.20 25.65 -6.53
N SER B 72 16.90 24.60 -7.30
CA SER B 72 15.89 23.63 -6.90
C SER B 72 16.51 22.25 -6.77
N SER B 73 15.77 21.32 -6.18
CA SER B 73 16.21 19.95 -6.03
C SER B 73 15.24 19.05 -6.79
N SER B 75 13.41 16.77 -9.26
CA SER B 75 14.01 15.85 -10.21
C SER B 75 13.09 14.95 -11.03
N PRO B 76 12.22 15.54 -11.88
CA PRO B 76 11.38 14.65 -12.69
C PRO B 76 12.41 13.85 -13.49
N THR B 77 12.28 12.53 -13.49
CA THR B 77 13.28 11.68 -14.11
C THR B 77 12.75 10.55 -14.99
N ILE B 78 13.49 10.25 -16.05
CA ILE B 78 13.14 9.16 -16.95
C ILE B 78 14.38 8.30 -17.18
N VAL B 79 14.20 6.99 -16.99
CA VAL B 79 15.29 6.04 -17.19
C VAL B 79 15.00 5.24 -18.45
N VAL B 80 16.03 5.07 -19.28
CA VAL B 80 15.91 4.33 -20.52
C VAL B 80 16.59 2.98 -20.43
N LYS B 81 15.89 1.95 -20.91
CA LYS B 81 16.40 0.58 -20.90
C LYS B 81 16.28 0.04 -22.33
N ASP B 82 17.36 -0.54 -22.85
CA ASP B 82 17.34 -1.09 -24.20
C ASP B 82 16.81 -0.09 -25.23
N GLY B 83 17.19 1.16 -25.06
CA GLY B 83 16.79 2.21 -25.99
C GLY B 83 15.36 2.73 -25.86
N LYS B 84 14.60 2.20 -24.90
CA LYS B 84 13.22 2.63 -24.74
C LYS B 84 12.92 3.22 -23.37
N THR B 85 11.97 4.14 -23.33
CA THR B 85 11.54 4.75 -22.07
C THR B 85 11.15 3.56 -21.19
N TRP B 86 11.69 3.52 -19.97
CA TRP B 86 11.43 2.39 -19.08
C TRP B 86 10.87 2.78 -17.70
N LEU B 87 11.39 3.85 -17.11
CA LEU B 87 10.89 4.29 -15.82
C LEU B 87 10.67 5.79 -15.84
N VAL B 88 9.50 6.22 -15.41
CA VAL B 88 9.14 7.63 -15.34
C VAL B 88 8.83 7.87 -13.88
N THR B 89 9.58 8.74 -13.23
CA THR B 89 9.37 8.97 -11.81
C THR B 89 9.72 10.38 -11.36
N GLY B 90 9.60 10.61 -10.05
CA GLY B 90 9.89 11.91 -9.49
C GLY B 90 9.21 11.97 -8.14
N SER B 91 9.45 13.05 -7.40
CA SER B 91 8.86 13.17 -6.07
C SER B 91 9.11 14.52 -5.43
N PRO B 92 8.30 14.87 -4.42
CA PRO B 92 8.45 16.13 -3.70
C PRO B 92 9.40 15.77 -2.55
N GLY B 93 9.72 16.73 -1.68
CA GLY B 93 10.59 16.42 -0.56
C GLY B 93 11.74 17.37 -0.31
N GLY B 94 11.70 18.53 -0.97
CA GLY B 94 12.77 19.50 -0.79
C GLY B 94 14.13 18.88 -1.07
N SER B 95 15.03 18.98 -0.10
CA SER B 95 16.37 18.43 -0.26
C SER B 95 16.35 16.91 -0.46
N ARG B 96 15.33 16.25 0.07
CA ARG B 96 15.22 14.79 -0.03
C ARG B 96 14.81 14.26 -1.42
N ILE B 97 14.36 15.13 -2.30
CA ILE B 97 13.95 14.70 -3.64
C ILE B 97 15.06 13.92 -4.34
N ILE B 98 16.28 14.45 -4.27
CA ILE B 98 17.43 13.82 -4.92
C ILE B 98 17.61 12.38 -4.46
N THR B 99 17.64 12.16 -3.15
CA THR B 99 17.83 10.81 -2.63
C THR B 99 16.62 9.90 -2.82
N THR B 100 15.42 10.47 -2.78
CA THR B 100 14.22 9.65 -2.97
C THR B 100 14.21 9.11 -4.41
N VAL B 101 14.45 9.98 -5.37
CA VAL B 101 14.48 9.55 -6.78
C VAL B 101 15.64 8.59 -7.02
N LEU B 102 16.79 8.88 -6.40
CA LEU B 102 17.95 8.01 -6.53
C LEU B 102 17.59 6.59 -6.11
N GLN B 103 16.90 6.47 -4.98
CA GLN B 103 16.49 5.16 -4.48
C GLN B 103 15.52 4.46 -5.42
N VAL B 105 15.56 4.69 -8.60
CA VAL B 105 16.41 4.19 -9.69
C VAL B 105 17.22 2.98 -9.24
N VAL B 106 17.86 3.06 -8.08
CA VAL B 106 18.64 1.94 -7.57
C VAL B 106 17.76 0.71 -7.31
N ASN B 107 16.59 0.93 -6.71
CA ASN B 107 15.67 -0.17 -6.42
C ASN B 107 15.27 -0.90 -7.69
N SER B 108 15.04 -0.13 -8.76
CA SER B 108 14.61 -0.70 -10.03
C SER B 108 15.72 -1.43 -10.79
N ILE B 109 16.87 -0.78 -10.89
CA ILE B 109 18.00 -1.34 -11.62
C ILE B 109 18.83 -2.36 -10.84
N ASP B 110 19.30 -1.99 -9.66
CA ASP B 110 20.13 -2.88 -8.87
C ASP B 110 19.41 -3.98 -8.13
N TYR B 111 18.26 -3.66 -7.55
CA TYR B 111 17.53 -4.65 -6.77
C TYR B 111 16.40 -5.38 -7.51
N GLY B 112 16.19 -5.01 -8.78
CA GLY B 112 15.16 -5.66 -9.58
C GLY B 112 13.76 -5.64 -9.02
N LEU B 113 13.40 -4.57 -8.31
CA LEU B 113 12.06 -4.48 -7.73
C LEU B 113 11.06 -3.92 -8.73
N ASN B 114 9.82 -4.44 -8.72
CA ASN B 114 8.82 -3.90 -9.63
C ASN B 114 8.52 -2.49 -9.13
N VAL B 115 7.88 -1.68 -9.95
CA VAL B 115 7.61 -0.29 -9.57
C VAL B 115 6.88 -0.11 -8.24
N ALA B 116 5.95 -1.02 -7.92
CA ALA B 116 5.22 -0.92 -6.66
C ALA B 116 6.14 -1.28 -5.49
N GLU B 117 6.93 -2.34 -5.65
CA GLU B 117 7.85 -2.75 -4.60
C GLU B 117 8.85 -1.62 -4.31
N ALA B 118 9.37 -1.02 -5.37
CA ALA B 118 10.34 0.07 -5.23
C ALA B 118 9.71 1.27 -4.52
N THR B 119 8.44 1.52 -4.82
CA THR B 119 7.70 2.63 -4.24
C THR B 119 7.41 2.46 -2.75
N ASN B 120 7.04 1.26 -2.35
CA ASN B 120 6.69 0.96 -0.97
C ASN B 120 7.87 0.67 -0.04
N ALA B 121 9.05 0.51 -0.63
CA ALA B 121 10.25 0.22 0.16
C ALA B 121 10.65 1.42 1.02
N PRO B 122 11.26 1.17 2.18
CA PRO B 122 11.67 2.26 3.07
C PRO B 122 12.80 3.09 2.47
N ARG B 123 12.92 4.33 2.92
CA ARG B 123 13.93 5.25 2.41
C ARG B 123 14.87 5.80 3.49
N PHE B 124 16.08 6.13 3.09
CA PHE B 124 17.07 6.72 3.98
C PHE B 124 17.66 7.91 3.24
N HIS B 125 18.34 8.79 3.97
CA HIS B 125 18.84 10.00 3.35
C HIS B 125 19.93 10.70 4.14
N HIS B 126 20.94 11.21 3.44
CA HIS B 126 22.03 11.96 4.07
C HIS B 126 22.32 13.11 3.13
N GLN B 127 22.28 14.33 3.66
CA GLN B 127 22.54 15.52 2.86
C GLN B 127 23.77 16.30 3.29
N TRP B 128 24.77 15.59 3.82
CA TRP B 128 26.01 16.21 4.24
C TRP B 128 25.78 17.05 5.50
N LEU B 129 25.04 18.13 5.35
CA LEU B 129 24.71 19.01 6.47
C LEU B 129 23.18 19.11 6.56
N PRO B 130 22.61 18.75 7.72
CA PRO B 130 23.28 18.25 8.92
C PRO B 130 23.88 16.86 8.75
N ASP B 131 24.87 16.53 9.56
CA ASP B 131 25.53 15.22 9.48
C ASP B 131 24.73 14.16 10.22
N GLU B 132 23.73 13.61 9.54
CA GLU B 132 22.88 12.58 10.10
C GLU B 132 22.37 11.69 8.98
N LEU B 133 22.25 10.40 9.24
CA LEU B 133 21.73 9.47 8.25
C LEU B 133 20.25 9.29 8.60
N ARG B 134 19.39 10.05 7.94
CA ARG B 134 17.97 9.99 8.20
C ARG B 134 17.34 8.72 7.63
N VAL B 135 16.49 8.07 8.43
CA VAL B 135 15.81 6.86 7.98
C VAL B 135 14.34 6.88 8.34
N GLU B 136 13.55 6.13 7.58
CA GLU B 136 12.13 5.99 7.83
C GLU B 136 12.04 4.70 8.62
N LYS B 137 10.85 4.36 9.11
CA LYS B 137 10.69 3.10 9.81
C LYS B 137 10.81 2.08 8.69
N GLY B 138 11.16 0.84 9.01
CA GLY B 138 11.26 -0.17 7.98
C GLY B 138 12.59 -0.87 7.82
N PHE B 139 13.64 -0.35 8.46
CA PHE B 139 14.94 -0.98 8.36
C PHE B 139 15.17 -1.86 9.58
N SER B 140 15.88 -2.95 9.39
CA SER B 140 16.16 -3.90 10.46
C SER B 140 17.00 -3.32 11.59
N PRO B 141 16.64 -3.65 12.84
CA PRO B 141 17.40 -3.14 13.98
C PRO B 141 18.85 -3.63 13.87
N ASP B 142 19.01 -4.82 13.29
CA ASP B 142 20.33 -5.40 13.12
C ASP B 142 21.13 -4.53 12.16
N THR B 143 20.49 -4.11 11.09
CA THR B 143 21.12 -3.28 10.08
C THR B 143 21.46 -1.89 10.63
N LEU B 144 20.53 -1.29 11.36
CA LEU B 144 20.78 0.03 11.92
C LEU B 144 21.93 -0.02 12.93
N LYS B 145 22.05 -1.15 13.62
CA LYS B 145 23.12 -1.33 14.60
C LYS B 145 24.46 -1.32 13.88
N LEU B 146 24.54 -2.03 12.76
CA LEU B 146 25.76 -2.09 11.96
C LEU B 146 26.13 -0.72 11.40
N LEU B 147 25.12 0.04 10.99
CA LEU B 147 25.35 1.38 10.44
C LEU B 147 25.91 2.31 11.51
N GLU B 148 25.34 2.25 12.71
CA GLU B 148 25.82 3.08 13.80
C GLU B 148 27.25 2.69 14.16
N ALA B 149 27.54 1.39 14.05
CA ALA B 149 28.88 0.88 14.36
C ALA B 149 29.88 1.39 13.32
N LYS B 150 29.40 1.66 12.11
CA LYS B 150 30.26 2.16 11.05
C LYS B 150 30.53 3.65 11.25
N GLY B 151 29.77 4.26 12.15
CA GLY B 151 29.97 5.68 12.42
C GLY B 151 28.85 6.56 11.92
N GLN B 152 27.83 5.97 11.32
CA GLN B 152 26.70 6.74 10.82
C GLN B 152 25.86 7.22 12.00
N LYS B 153 25.33 8.43 11.90
CA LYS B 153 24.49 8.99 12.95
C LYS B 153 23.04 8.80 12.53
N VAL B 154 22.52 7.60 12.75
CA VAL B 154 21.15 7.26 12.38
C VAL B 154 20.08 8.04 13.12
N ALA B 155 19.15 8.61 12.37
CA ALA B 155 18.05 9.38 12.94
C ALA B 155 16.72 8.98 12.32
N LEU B 156 15.85 8.37 13.13
CA LEU B 156 14.53 7.95 12.66
C LEU B 156 13.63 9.16 12.58
N LYS B 157 13.13 9.46 11.38
CA LYS B 157 12.25 10.60 11.18
C LYS B 157 11.03 10.28 10.33
N GLU B 158 10.21 11.30 10.08
CA GLU B 158 8.99 11.19 9.32
C GLU B 158 9.18 10.67 7.89
N ALA B 159 8.11 10.11 7.33
CA ALA B 159 8.15 9.58 5.96
C ALA B 159 8.66 10.65 5.00
N GLY B 161 8.91 11.95 0.98
CA GLY B 161 8.43 11.90 -0.40
C GLY B 161 7.06 11.36 -0.77
N SER B 162 6.81 11.38 -2.08
CA SER B 162 5.56 10.90 -2.64
C SER B 162 5.82 10.61 -4.11
N THR B 163 6.43 9.46 -4.38
CA THR B 163 6.72 9.06 -5.73
C THR B 163 5.44 8.66 -6.47
N GLN B 164 5.36 9.04 -7.74
CA GLN B 164 4.22 8.72 -8.59
C GLN B 164 4.96 8.28 -9.84
N SER B 165 5.02 6.97 -10.04
CA SER B 165 5.81 6.41 -11.12
C SER B 165 5.14 5.44 -12.08
N ILE B 166 5.76 5.29 -13.25
CA ILE B 166 5.26 4.39 -14.28
C ILE B 166 6.45 3.65 -14.89
N VAL B 168 7.57 1.08 -17.95
CA VAL B 168 7.07 0.65 -19.25
C VAL B 168 7.73 -0.64 -19.72
N GLY B 169 6.91 -1.63 -20.00
CA GLY B 169 7.43 -2.89 -20.47
C GLY B 169 7.86 -2.74 -21.92
N PRO B 170 8.80 -3.56 -22.40
CA PRO B 170 9.26 -3.47 -23.79
C PRO B 170 8.11 -3.75 -24.77
N ASP B 171 7.08 -4.44 -24.29
CA ASP B 171 5.93 -4.79 -25.11
C ASP B 171 4.86 -3.71 -25.08
N GLY B 172 5.09 -2.66 -24.30
CA GLY B 172 4.13 -1.57 -24.22
C GLY B 172 3.22 -1.58 -22.99
N GLU B 173 3.25 -2.66 -22.22
CA GLU B 173 2.42 -2.75 -21.03
C GLU B 173 2.91 -1.69 -20.03
N LEU B 174 1.96 -1.01 -19.39
CA LEU B 174 2.32 0.01 -18.42
C LEU B 174 2.08 -0.49 -17.00
N TYR B 175 3.02 -0.20 -16.12
CA TYR B 175 2.94 -0.62 -14.71
C TYR B 175 3.12 0.65 -13.89
N GLY B 176 2.20 0.90 -12.96
CA GLY B 176 2.31 2.11 -12.17
C GLY B 176 2.16 1.94 -10.68
N ALA B 177 2.59 2.95 -9.93
CA ALA B 177 2.50 2.88 -8.49
C ALA B 177 2.47 4.25 -7.86
N SER B 178 1.50 4.45 -6.96
CA SER B 178 1.37 5.69 -6.22
C SER B 178 1.94 5.42 -4.84
N ASP B 179 2.61 6.42 -4.28
CA ASP B 179 3.23 6.30 -2.97
C ASP B 179 2.21 6.08 -1.85
N PRO B 180 2.48 5.12 -0.95
CA PRO B 180 1.52 4.89 0.14
C PRO B 180 1.59 6.03 1.15
N ARG B 181 2.68 6.80 1.08
CA ARG B 181 2.88 7.91 1.99
C ARG B 181 1.88 9.05 1.82
N SER B 182 1.20 9.08 0.68
CA SER B 182 0.19 10.12 0.41
C SER B 182 -1.21 9.54 0.34
N VAL B 183 -2.05 9.86 1.32
CA VAL B 183 -3.43 9.38 1.30
C VAL B 183 -4.17 10.05 0.15
N ASP B 184 -5.11 9.33 -0.44
CA ASP B 184 -5.92 9.81 -1.56
C ASP B 184 -5.21 9.96 -2.90
N ASP B 185 -4.00 9.43 -3.03
CA ASP B 185 -3.34 9.52 -4.33
C ASP B 185 -3.82 8.37 -5.21
N LEU B 186 -3.46 8.39 -6.48
CA LEU B 186 -3.91 7.35 -7.39
C LEU B 186 -3.13 7.24 -8.68
N THR B 187 -2.98 6.00 -9.14
CA THR B 187 -2.34 5.72 -10.41
C THR B 187 -3.41 4.90 -11.12
N ALA B 188 -3.78 5.35 -12.32
CA ALA B 188 -4.82 4.65 -13.07
C ALA B 188 -4.54 4.78 -14.56
N GLY B 189 -5.16 3.91 -15.33
CA GLY B 189 -4.95 3.94 -16.76
C GLY B 189 -6.12 3.27 -17.47
N TYR B 190 -5.90 2.88 -18.72
CA TYR B 190 -6.94 2.24 -19.50
C TYR B 190 -6.27 1.46 -20.63
N VAL C 8 -1.45 1.07 20.89
CA VAL C 8 -0.39 2.03 21.27
C VAL C 8 -0.15 3.06 20.15
N SER C 9 -0.56 2.73 18.94
CA SER C 9 -0.41 3.64 17.81
C SER C 9 -1.52 3.45 16.77
N TYR C 10 -2.38 4.46 16.65
CA TYR C 10 -3.47 4.42 15.70
C TYR C 10 -3.05 5.01 14.35
N GLY C 11 -1.82 5.52 14.29
CA GLY C 11 -1.32 6.10 13.06
C GLY C 11 -1.29 7.61 13.10
N VAL C 12 -0.23 8.19 12.52
CA VAL C 12 -0.08 9.63 12.47
C VAL C 12 0.28 10.11 11.06
N GLU C 13 0.10 11.40 10.82
CA GLU C 13 0.37 12.02 9.54
C GLU C 13 1.72 11.67 8.92
N GLU C 14 2.73 11.45 9.75
CA GLU C 14 4.07 11.16 9.24
C GLU C 14 4.44 9.70 8.96
N ASP C 15 3.50 8.78 9.14
CA ASP C 15 3.79 7.36 8.89
C ASP C 15 3.89 7.10 7.39
N VAL C 16 4.48 5.97 7.02
CA VAL C 16 4.62 5.61 5.61
C VAL C 16 3.34 4.97 5.11
N PHE C 17 2.71 4.17 5.97
CA PHE C 17 1.46 3.49 5.63
C PHE C 17 0.35 4.06 6.50
N HIS C 18 -0.73 4.51 5.85
CA HIS C 18 -1.84 5.13 6.54
C HIS C 18 -3.12 4.32 6.51
N PRO C 19 -3.76 4.16 7.68
CA PRO C 19 -5.00 3.39 7.66
C PRO C 19 -6.15 4.21 7.10
N VAL C 20 -7.19 3.52 6.63
CA VAL C 20 -8.37 4.18 6.13
C VAL C 20 -9.07 4.63 7.41
N ARG C 21 -9.63 5.84 7.41
CA ARG C 21 -10.29 6.35 8.60
C ARG C 21 -11.78 6.61 8.41
N ALA C 22 -12.55 6.32 9.46
CA ALA C 22 -13.99 6.54 9.44
C ALA C 22 -14.47 6.80 10.86
N LYS C 23 -15.55 7.56 10.99
CA LYS C 23 -16.09 7.90 12.31
C LYS C 23 -17.26 7.05 12.75
N GLN C 24 -17.93 6.40 11.81
CA GLN C 24 -19.10 5.59 12.17
C GLN C 24 -18.94 4.09 11.97
N GLY C 25 -18.95 3.63 10.72
CA GLY C 25 -18.82 2.21 10.45
C GLY C 25 -17.70 1.91 9.48
N VAL C 27 -15.84 -1.50 6.93
CA VAL C 27 -15.78 -2.87 6.42
C VAL C 27 -14.46 -3.07 5.70
N ALA C 28 -13.80 -4.20 5.96
CA ALA C 28 -12.53 -4.53 5.31
C ALA C 28 -12.68 -5.92 4.68
N SER C 29 -12.52 -6.00 3.36
CA SER C 29 -12.64 -7.29 2.69
C SER C 29 -11.71 -7.37 1.48
N VAL C 30 -11.59 -8.56 0.92
CA VAL C 30 -10.71 -8.81 -0.21
C VAL C 30 -11.31 -8.29 -1.53
N ASP C 31 -12.55 -7.82 -1.48
CA ASP C 31 -13.23 -7.37 -2.70
C ASP C 31 -13.95 -6.03 -2.58
N ALA C 32 -13.59 -5.09 -3.46
CA ALA C 32 -14.18 -3.75 -3.45
C ALA C 32 -15.70 -3.78 -3.42
N THR C 33 -16.32 -4.51 -4.35
CA THR C 33 -17.76 -4.59 -4.42
C THR C 33 -18.40 -5.10 -3.13
N ALA C 34 -17.84 -6.19 -2.58
CA ALA C 34 -18.38 -6.75 -1.35
C ALA C 34 -18.23 -5.78 -0.18
N THR C 35 -17.11 -5.07 -0.13
CA THR C 35 -16.89 -4.11 0.94
C THR C 35 -17.94 -3.02 0.85
N GLN C 36 -18.22 -2.56 -0.36
CA GLN C 36 -19.21 -1.52 -0.59
C GLN C 36 -20.62 -2.00 -0.22
N VAL C 37 -20.89 -3.29 -0.42
CA VAL C 37 -22.19 -3.85 -0.06
C VAL C 37 -22.35 -3.76 1.45
N GLY C 38 -21.28 -4.11 2.17
CA GLY C 38 -21.32 -4.07 3.63
C GLY C 38 -21.50 -2.66 4.16
N VAL C 39 -20.77 -1.71 3.57
CA VAL C 39 -20.88 -0.32 4.00
C VAL C 39 -22.30 0.18 3.78
N ASP C 40 -22.89 -0.17 2.64
CA ASP C 40 -24.25 0.24 2.33
C ASP C 40 -25.24 -0.30 3.34
N ILE C 41 -25.02 -1.52 3.81
CA ILE C 41 -25.90 -2.12 4.79
C ILE C 41 -25.80 -1.34 6.10
N LEU C 42 -24.59 -0.97 6.49
CA LEU C 42 -24.39 -0.21 7.71
C LEU C 42 -25.08 1.15 7.57
N LYS C 43 -24.89 1.80 6.43
CA LYS C 43 -25.51 3.09 6.19
C LYS C 43 -27.03 3.01 6.27
N GLU C 44 -27.57 1.87 5.85
CA GLU C 44 -29.01 1.65 5.87
C GLU C 44 -29.52 1.35 7.27
N GLY C 45 -28.61 1.22 8.23
CA GLY C 45 -29.02 0.97 9.61
C GLY C 45 -28.77 -0.43 10.15
N GLY C 46 -28.18 -1.30 9.34
CA GLY C 46 -27.92 -2.66 9.80
C GLY C 46 -26.76 -2.67 10.77
N ASN C 47 -26.68 -3.68 11.63
CA ASN C 47 -25.56 -3.74 12.57
C ASN C 47 -24.40 -4.53 11.96
N ALA C 48 -23.33 -4.72 12.73
CA ALA C 48 -22.17 -5.43 12.24
C ALA C 48 -22.50 -6.82 11.69
N VAL C 49 -23.37 -7.54 12.38
CA VAL C 49 -23.75 -8.87 11.93
C VAL C 49 -24.54 -8.81 10.63
N ASP C 50 -25.48 -7.87 10.53
CA ASP C 50 -26.26 -7.71 9.30
C ASP C 50 -25.31 -7.50 8.13
N ALA C 51 -24.38 -6.56 8.30
CA ALA C 51 -23.41 -6.24 7.25
C ALA C 51 -22.51 -7.43 6.96
N ALA C 52 -22.07 -8.12 8.01
CA ALA C 52 -21.19 -9.26 7.85
C ALA C 52 -21.85 -10.35 7.00
N VAL C 53 -23.13 -10.60 7.25
CA VAL C 53 -23.83 -11.62 6.48
C VAL C 53 -24.01 -11.15 5.04
N ALA C 54 -24.32 -9.87 4.87
CA ALA C 54 -24.50 -9.33 3.52
C ALA C 54 -23.19 -9.43 2.75
N VAL C 55 -22.07 -9.15 3.42
CA VAL C 55 -20.76 -9.22 2.77
C VAL C 55 -20.47 -10.67 2.43
N GLY C 56 -20.82 -11.58 3.34
CA GLY C 56 -20.61 -13.00 3.11
C GLY C 56 -21.37 -13.50 1.89
N TYR C 57 -22.60 -13.03 1.71
CA TYR C 57 -23.37 -13.47 0.56
C TYR C 57 -22.84 -12.81 -0.71
N ALA C 58 -22.43 -11.55 -0.61
CA ALA C 58 -21.89 -10.84 -1.77
C ALA C 58 -20.62 -11.50 -2.29
N LEU C 59 -19.72 -11.87 -1.38
CA LEU C 59 -18.47 -12.51 -1.77
C LEU C 59 -18.73 -13.88 -2.42
N ALA C 60 -19.83 -14.51 -2.05
CA ALA C 60 -20.17 -15.82 -2.62
C ALA C 60 -20.47 -15.64 -4.11
N VAL C 61 -20.67 -14.40 -4.51
CA VAL C 61 -20.96 -14.08 -5.91
C VAL C 61 -19.76 -13.43 -6.60
N THR C 62 -19.19 -12.42 -5.96
CA THR C 62 -18.07 -11.67 -6.54
C THR C 62 -16.68 -12.27 -6.32
N HIS C 63 -16.56 -13.24 -5.41
CA HIS C 63 -15.28 -13.85 -5.13
C HIS C 63 -15.45 -15.37 -5.06
N PRO C 64 -15.85 -16.00 -6.18
CA PRO C 64 -16.07 -17.45 -6.23
C PRO C 64 -14.87 -18.30 -5.85
N GLN C 65 -13.68 -17.71 -5.86
CA GLN C 65 -12.50 -18.47 -5.49
C GLN C 65 -12.53 -18.89 -4.00
N ALA C 66 -13.21 -18.11 -3.17
CA ALA C 66 -13.28 -18.41 -1.73
C ALA C 66 -14.63 -18.04 -1.11
N GLY C 67 -15.22 -16.93 -1.54
CA GLY C 67 -16.54 -16.55 -1.03
C GLY C 67 -17.41 -17.72 -1.44
N ASN C 68 -18.42 -18.08 -0.66
CA ASN C 68 -19.17 -19.27 -1.03
C ASN C 68 -20.47 -19.53 -0.29
N LEU C 69 -21.20 -20.52 -0.82
CA LEU C 69 -22.42 -21.03 -0.22
C LEU C 69 -22.12 -22.53 -0.09
N GLY C 70 -21.15 -22.99 -0.87
CA GLY C 70 -20.80 -24.40 -0.88
C GLY C 70 -19.62 -24.81 -0.03
N GLY C 71 -19.22 -23.94 0.89
CA GLY C 71 -18.10 -24.25 1.76
C GLY C 71 -18.46 -24.07 3.22
N GLY C 72 -17.55 -23.49 3.99
CA GLY C 72 -17.81 -23.30 5.40
C GLY C 72 -16.84 -22.32 6.03
N GLY C 73 -17.00 -22.09 7.32
CA GLY C 73 -16.11 -21.15 7.97
C GLY C 73 -16.44 -20.88 9.42
N PHE C 74 -15.93 -19.75 9.91
CA PHE C 74 -16.10 -19.34 11.29
C PHE C 74 -16.38 -17.85 11.40
N LEU C 76 -16.40 -14.68 14.45
CA LEU C 76 -16.15 -14.25 15.81
C LEU C 76 -16.97 -12.98 15.97
N ILE C 77 -17.80 -12.92 17.02
CA ILE C 77 -18.66 -11.78 17.26
C ILE C 77 -18.44 -11.19 18.64
N ARG C 78 -18.32 -9.87 18.72
CA ARG C 78 -18.21 -9.21 20.02
C ARG C 78 -19.14 -8.01 20.01
N SER C 79 -20.19 -8.08 20.81
CA SER C 79 -21.15 -6.98 20.86
C SER C 79 -20.57 -5.83 21.67
N LYS C 80 -21.20 -4.66 21.52
CA LYS C 80 -20.78 -3.46 22.21
C LYS C 80 -20.81 -3.65 23.74
N ASN C 81 -21.64 -4.56 24.22
CA ASN C 81 -21.74 -4.80 25.66
C ASN C 81 -20.69 -5.80 26.15
N GLY C 82 -19.82 -6.24 25.24
CA GLY C 82 -18.77 -7.17 25.63
C GLY C 82 -19.04 -8.65 25.43
N ASN C 83 -20.24 -9.01 24.99
CA ASN C 83 -20.56 -10.41 24.77
C ASN C 83 -19.75 -10.88 23.56
N THR C 84 -18.85 -11.83 23.79
CA THR C 84 -17.99 -12.36 22.73
C THR C 84 -18.32 -13.82 22.48
N THR C 85 -18.67 -14.15 21.24
CA THR C 85 -19.03 -15.52 20.92
C THR C 85 -18.44 -15.97 19.59
N ALA C 86 -18.39 -17.27 19.37
CA ALA C 86 -17.85 -17.84 18.14
C ALA C 86 -18.88 -18.73 17.46
N ILE C 87 -18.99 -18.60 16.14
CA ILE C 87 -19.94 -19.43 15.40
C ILE C 87 -19.15 -20.38 14.52
N ASP C 88 -19.34 -21.67 14.75
CA ASP C 88 -18.68 -22.71 13.99
C ASP C 88 -19.64 -23.18 12.90
N PHE C 89 -19.32 -22.86 11.64
CA PHE C 89 -20.12 -23.33 10.52
C PHE C 89 -19.19 -24.02 9.53
N ARG C 90 -18.34 -24.86 10.12
CA ARG C 90 -17.35 -25.68 9.43
C ARG C 90 -18.11 -26.87 8.85
N GLU C 91 -17.71 -27.33 7.68
CA GLU C 91 -18.39 -28.47 7.06
C GLU C 91 -18.28 -29.72 7.92
N ALA C 93 -18.21 -33.90 7.79
CA ALA C 93 -17.93 -34.99 6.86
C ALA C 93 -19.24 -35.76 6.70
N PRO C 94 -19.50 -36.29 5.50
CA PRO C 94 -20.74 -37.04 5.26
C PRO C 94 -20.84 -38.21 6.24
N ALA C 95 -22.06 -38.68 6.48
CA ALA C 95 -22.26 -39.79 7.41
C ALA C 95 -21.59 -41.06 6.88
N LYS C 96 -21.43 -41.16 5.57
CA LYS C 96 -20.81 -42.33 4.96
C LYS C 96 -19.29 -42.24 4.88
N ALA C 97 -18.73 -41.13 5.35
CA ALA C 97 -17.28 -40.97 5.33
C ALA C 97 -16.63 -42.01 6.23
N THR C 98 -15.43 -42.46 5.85
CA THR C 98 -14.71 -43.46 6.63
C THR C 98 -13.26 -43.05 6.82
N ARG C 99 -12.63 -43.56 7.88
CA ARG C 99 -11.25 -43.23 8.21
C ARG C 99 -10.26 -43.32 7.03
N ASP C 100 -10.27 -44.45 6.33
CA ASP C 100 -9.34 -44.62 5.21
C ASP C 100 -9.93 -44.38 3.82
N PHE C 102 -9.57 -42.01 1.79
CA PHE C 102 -8.66 -41.38 0.82
C PHE C 102 -7.41 -42.21 0.51
N LEU C 103 -7.34 -43.43 1.00
CA LEU C 103 -6.19 -44.29 0.76
C LEU C 103 -6.38 -45.13 -0.51
N ASP C 104 -5.32 -45.29 -1.29
CA ASP C 104 -5.39 -46.11 -2.50
C ASP C 104 -5.22 -47.57 -2.11
N ASP C 105 -5.22 -48.47 -3.09
CA ASP C 105 -5.08 -49.90 -2.84
C ASP C 105 -3.85 -50.27 -2.02
N GLN C 106 -2.81 -49.44 -2.10
CA GLN C 106 -1.59 -49.69 -1.37
C GLN C 106 -1.58 -49.10 0.03
N GLY C 107 -2.62 -48.35 0.36
CA GLY C 107 -2.71 -47.75 1.69
C GLY C 107 -2.09 -46.37 1.79
N ASN C 108 -1.82 -45.75 0.65
CA ASN C 108 -1.22 -44.42 0.62
C ASN C 108 -2.26 -43.38 0.21
N PRO C 109 -2.27 -42.22 0.87
CA PRO C 109 -3.23 -41.16 0.55
C PRO C 109 -3.19 -40.73 -0.92
N ASP C 110 -4.37 -40.49 -1.48
CA ASP C 110 -4.50 -40.06 -2.86
C ASP C 110 -5.04 -38.64 -2.82
N SER C 111 -4.15 -37.66 -3.00
CA SER C 111 -4.55 -36.26 -2.95
C SER C 111 -5.64 -35.91 -3.95
N LYS C 112 -5.74 -36.66 -5.05
CA LYS C 112 -6.77 -36.38 -6.04
C LYS C 112 -8.16 -36.61 -5.46
N LYS C 113 -8.31 -37.68 -4.67
CA LYS C 113 -9.60 -37.99 -4.08
C LYS C 113 -10.05 -36.96 -3.06
N SER C 114 -9.10 -36.41 -2.30
CA SER C 114 -9.44 -35.43 -1.28
C SER C 114 -9.41 -33.97 -1.74
N LEU C 115 -9.02 -33.73 -2.99
CA LEU C 115 -8.96 -32.37 -3.50
C LEU C 115 -9.80 -32.09 -4.74
N THR C 116 -9.89 -33.06 -5.65
CA THR C 116 -10.64 -32.83 -6.88
C THR C 116 -11.84 -33.74 -7.16
N SER C 117 -11.99 -34.84 -6.44
CA SER C 117 -13.12 -35.72 -6.69
C SER C 117 -14.31 -35.27 -5.85
N HIS C 118 -15.48 -35.87 -6.10
CA HIS C 118 -16.67 -35.51 -5.35
C HIS C 118 -16.56 -35.96 -3.90
N LEU C 119 -15.57 -36.80 -3.60
CA LEU C 119 -15.36 -37.29 -2.25
C LEU C 119 -14.66 -36.22 -1.40
N ALA C 120 -14.16 -35.19 -2.07
CA ALA C 120 -13.43 -34.12 -1.39
C ALA C 120 -14.30 -33.11 -0.65
N SER C 121 -15.62 -33.19 -0.85
CA SER C 121 -16.54 -32.23 -0.22
C SER C 121 -17.16 -32.62 1.12
N GLY C 122 -17.23 -31.64 2.01
CA GLY C 122 -17.88 -31.85 3.29
C GLY C 122 -19.23 -31.16 3.15
N THR C 123 -20.18 -31.48 4.02
CA THR C 123 -21.50 -30.85 3.96
C THR C 123 -21.33 -29.36 4.26
N PRO C 124 -21.72 -28.48 3.31
CA PRO C 124 -21.59 -27.02 3.49
C PRO C 124 -22.28 -26.44 4.71
N GLY C 125 -21.61 -25.51 5.38
CA GLY C 125 -22.20 -24.89 6.56
C GLY C 125 -22.41 -23.39 6.50
N THR C 126 -21.90 -22.74 5.46
CA THR C 126 -22.01 -21.28 5.35
C THR C 126 -23.43 -20.72 5.51
N VAL C 127 -24.39 -21.25 4.77
CA VAL C 127 -25.75 -20.75 4.88
C VAL C 127 -26.31 -20.92 6.29
N ALA C 128 -26.03 -22.06 6.91
CA ALA C 128 -26.50 -22.31 8.26
C ALA C 128 -25.85 -21.34 9.24
N GLY C 129 -24.55 -21.13 9.08
CA GLY C 129 -23.83 -20.24 9.97
C GLY C 129 -24.32 -18.80 9.88
N PHE C 130 -24.51 -18.31 8.66
CA PHE C 130 -24.98 -16.95 8.48
C PHE C 130 -26.37 -16.74 9.06
N SER C 131 -27.25 -17.73 8.90
CA SER C 131 -28.60 -17.61 9.44
C SER C 131 -28.62 -17.71 10.96
N LEU C 132 -27.74 -18.53 11.52
CA LEU C 132 -27.70 -18.65 12.97
C LEU C 132 -27.31 -17.28 13.54
N ALA C 133 -26.27 -16.69 12.96
CA ALA C 133 -25.78 -15.39 13.42
C ALA C 133 -26.81 -14.30 13.19
N LEU C 134 -27.38 -14.25 11.98
CA LEU C 134 -28.37 -13.22 11.65
C LEU C 134 -29.59 -13.26 12.55
N ASP C 135 -30.15 -14.46 12.74
CA ASP C 135 -31.34 -14.61 13.57
C ASP C 135 -31.13 -14.21 15.02
N LYS C 136 -29.97 -14.54 15.56
CA LYS C 136 -29.69 -14.28 16.97
C LYS C 136 -29.04 -12.93 17.28
N TYR C 137 -28.13 -12.49 16.43
CA TYR C 137 -27.39 -11.25 16.69
C TYR C 137 -27.61 -10.13 15.69
N GLY C 138 -28.30 -10.40 14.59
CA GLY C 138 -28.55 -9.37 13.61
C GLY C 138 -29.86 -8.66 13.86
N THR C 139 -30.30 -7.82 12.93
CA THR C 139 -31.57 -7.11 13.09
C THR C 139 -32.39 -7.14 11.81
N PRO C 141 -33.88 -8.99 8.14
CA PRO C 141 -34.35 -10.29 7.67
C PRO C 141 -33.38 -10.80 6.61
N LEU C 142 -33.29 -12.11 6.45
CA LEU C 142 -32.38 -12.70 5.49
C LEU C 142 -32.54 -12.16 4.07
N ASN C 143 -33.78 -11.98 3.61
CA ASN C 143 -33.98 -11.49 2.26
C ASN C 143 -33.31 -10.14 1.98
N LYS C 144 -33.26 -9.28 3.00
CA LYS C 144 -32.64 -7.96 2.82
C LYS C 144 -31.12 -8.02 2.71
N VAL C 145 -30.49 -8.89 3.47
CA VAL C 145 -29.03 -8.99 3.41
C VAL C 145 -28.56 -9.85 2.25
N VAL C 146 -29.46 -10.62 1.65
CA VAL C 146 -29.13 -11.45 0.50
C VAL C 146 -29.35 -10.70 -0.80
N GLN C 147 -30.27 -9.72 -0.77
CA GLN C 147 -30.60 -8.94 -1.97
C GLN C 147 -29.41 -8.39 -2.78
N PRO C 148 -28.43 -7.75 -2.11
CA PRO C 148 -27.28 -7.21 -2.86
C PRO C 148 -26.60 -8.30 -3.70
N ALA C 149 -26.34 -9.45 -3.06
CA ALA C 149 -25.70 -10.57 -3.74
C ALA C 149 -26.59 -11.07 -4.88
N PHE C 150 -27.88 -11.18 -4.61
CA PHE C 150 -28.83 -11.64 -5.61
C PHE C 150 -28.72 -10.81 -6.89
N LYS C 151 -28.76 -9.50 -6.77
CA LYS C 151 -28.67 -8.64 -7.94
C LYS C 151 -27.34 -8.80 -8.67
N LEU C 152 -26.26 -8.94 -7.91
CA LEU C 152 -24.94 -9.12 -8.52
C LEU C 152 -24.89 -10.42 -9.33
N ALA C 153 -25.54 -11.46 -8.84
CA ALA C 153 -25.56 -12.74 -9.55
C ALA C 153 -26.48 -12.64 -10.76
N ARG C 154 -27.65 -12.06 -10.56
CA ARG C 154 -28.64 -11.93 -11.63
C ARG C 154 -28.19 -11.00 -12.77
N ASP C 155 -27.77 -9.79 -12.41
CA ASP C 155 -27.35 -8.81 -13.40
C ASP C 155 -25.90 -8.93 -13.83
N GLY C 156 -25.09 -9.56 -12.99
CA GLY C 156 -23.68 -9.73 -13.30
C GLY C 156 -22.82 -8.57 -12.85
N PHE C 157 -21.51 -8.74 -12.99
CA PHE C 157 -20.56 -7.70 -12.61
C PHE C 157 -19.32 -7.85 -13.47
N ILE C 158 -18.51 -6.80 -13.53
CA ILE C 158 -17.30 -6.81 -14.34
C ILE C 158 -16.15 -7.56 -13.68
N VAL C 159 -15.55 -8.47 -14.42
CA VAL C 159 -14.44 -9.28 -13.94
C VAL C 159 -13.21 -8.39 -13.82
N ASN C 160 -12.62 -8.33 -12.62
CA ASN C 160 -11.44 -7.49 -12.39
C ASN C 160 -10.16 -8.30 -12.55
N ASP C 161 -9.03 -7.71 -12.18
CA ASP C 161 -7.75 -8.40 -12.29
C ASP C 161 -7.66 -9.63 -11.41
N ALA C 162 -8.07 -9.49 -10.14
CA ALA C 162 -8.01 -10.61 -9.21
C ALA C 162 -8.76 -11.84 -9.72
N LEU C 163 -10.02 -11.65 -10.10
CA LEU C 163 -10.83 -12.76 -10.58
C LEU C 163 -10.34 -13.32 -11.91
N ALA C 164 -9.98 -12.42 -12.83
CA ALA C 164 -9.48 -12.87 -14.13
C ALA C 164 -8.23 -13.73 -13.93
N ASP C 165 -7.29 -13.23 -13.15
CA ASP C 165 -6.05 -13.97 -12.89
C ASP C 165 -6.29 -15.31 -12.20
N ASP C 166 -7.20 -15.34 -11.23
CA ASP C 166 -7.48 -16.59 -10.54
C ASP C 166 -8.17 -17.58 -11.46
N LEU C 167 -9.08 -17.10 -12.31
CA LEU C 167 -9.78 -17.98 -13.22
C LEU C 167 -8.77 -18.68 -14.14
N LYS C 168 -7.82 -17.92 -14.65
CA LYS C 168 -6.81 -18.47 -15.55
C LYS C 168 -5.83 -19.39 -14.84
N THR C 169 -5.28 -18.93 -13.73
CA THR C 169 -4.31 -19.71 -12.97
C THR C 169 -4.84 -20.96 -12.28
N TYR C 170 -5.89 -20.80 -11.48
CA TYR C 170 -6.46 -21.94 -10.76
C TYR C 170 -7.72 -22.50 -11.38
N GLY C 171 -8.53 -21.63 -11.97
CA GLY C 171 -9.77 -22.07 -12.58
C GLY C 171 -9.57 -23.06 -13.72
N SER C 172 -8.53 -22.83 -14.52
CA SER C 172 -8.25 -23.69 -15.66
C SER C 172 -8.02 -25.15 -15.29
N GLU C 173 -7.62 -25.38 -14.05
CA GLU C 173 -7.35 -26.73 -13.58
C GLU C 173 -8.58 -27.56 -13.23
N VAL C 174 -9.71 -26.90 -12.97
CA VAL C 174 -10.90 -27.64 -12.58
C VAL C 174 -12.24 -27.21 -13.18
N LEU C 175 -12.40 -25.92 -13.45
CA LEU C 175 -13.67 -25.41 -13.98
C LEU C 175 -14.08 -25.88 -15.37
N PRO C 176 -13.20 -25.78 -16.37
CA PRO C 176 -13.58 -26.22 -17.71
C PRO C 176 -13.86 -27.72 -17.86
N ASN C 177 -13.50 -28.49 -16.84
CA ASN C 177 -13.71 -29.94 -16.87
C ASN C 177 -15.19 -30.30 -16.70
N HIS C 178 -15.83 -29.71 -15.71
CA HIS C 178 -17.25 -29.95 -15.41
C HIS C 178 -18.12 -29.06 -16.29
N GLU C 179 -19.07 -29.68 -17.00
CA GLU C 179 -19.96 -28.97 -17.91
C GLU C 179 -20.71 -27.78 -17.33
N ASN C 180 -21.30 -27.94 -16.15
CA ASN C 180 -22.04 -26.83 -15.57
C ASN C 180 -21.12 -25.68 -15.13
N SER C 181 -19.92 -26.01 -14.66
CA SER C 181 -18.96 -24.99 -14.24
C SER C 181 -18.46 -24.22 -15.46
N LYS C 182 -18.16 -24.95 -16.53
CA LYS C 182 -17.66 -24.34 -17.75
C LYS C 182 -18.66 -23.37 -18.37
N ALA C 183 -19.94 -23.71 -18.26
CA ALA C 183 -20.99 -22.86 -18.82
C ALA C 183 -21.07 -21.52 -18.11
N ILE C 184 -20.60 -21.47 -16.87
CA ILE C 184 -20.65 -20.24 -16.10
C ILE C 184 -19.38 -19.40 -16.14
N PHE C 185 -18.24 -20.05 -15.94
CA PHE C 185 -16.96 -19.35 -15.87
C PHE C 185 -16.11 -19.28 -17.13
N TRP C 186 -16.44 -20.08 -18.13
CA TRP C 186 -15.68 -20.07 -19.37
C TRP C 186 -16.49 -19.40 -20.49
N LYS C 187 -15.79 -18.82 -21.46
CA LYS C 187 -16.43 -18.16 -22.58
C LYS C 187 -15.60 -18.36 -23.85
N GLU C 188 -16.19 -19.04 -24.83
CA GLU C 188 -15.51 -19.30 -26.09
C GLU C 188 -14.21 -20.10 -25.90
N GLY C 189 -14.27 -21.11 -25.05
CA GLY C 189 -13.10 -21.96 -24.82
C GLY C 189 -12.04 -21.39 -23.90
N GLU C 190 -12.23 -20.16 -23.45
CA GLU C 190 -11.27 -19.51 -22.56
C GLU C 190 -11.95 -18.98 -21.31
N PRO C 191 -11.19 -18.82 -20.21
CA PRO C 191 -11.80 -18.29 -18.99
C PRO C 191 -12.18 -16.83 -19.20
N LEU C 192 -13.19 -16.36 -18.48
CA LEU C 192 -13.60 -14.97 -18.60
C LEU C 192 -12.38 -14.10 -18.33
N LYS C 193 -12.27 -13.01 -19.07
CA LYS C 193 -11.12 -12.10 -18.92
C LYS C 193 -11.52 -10.79 -18.26
N LYS C 194 -10.52 -10.02 -17.85
CA LYS C 194 -10.78 -8.74 -17.21
C LYS C 194 -11.61 -7.92 -18.19
N GLY C 195 -12.67 -7.28 -17.69
CA GLY C 195 -13.52 -6.48 -18.55
C GLY C 195 -14.80 -7.20 -18.92
N ASP C 196 -14.74 -8.52 -18.96
CA ASP C 196 -15.93 -9.32 -19.29
C ASP C 196 -16.93 -9.21 -18.16
N THR C 197 -18.17 -9.61 -18.43
CA THR C 197 -19.21 -9.57 -17.41
C THR C 197 -19.51 -11.00 -16.98
N LEU C 198 -19.52 -11.23 -15.68
CA LEU C 198 -19.82 -12.55 -15.16
C LEU C 198 -21.23 -12.57 -14.62
N VAL C 199 -22.11 -13.30 -15.31
CA VAL C 199 -23.50 -13.42 -14.89
C VAL C 199 -23.66 -14.83 -14.34
N GLN C 200 -24.34 -14.95 -13.20
CA GLN C 200 -24.55 -16.25 -12.59
C GLN C 200 -26.04 -16.45 -12.33
N ALA C 201 -26.78 -16.74 -13.40
CA ALA C 201 -28.22 -16.94 -13.35
C ALA C 201 -28.67 -18.05 -12.40
N ASN C 202 -28.00 -19.19 -12.45
CA ASN C 202 -28.36 -20.31 -11.58
C ASN C 202 -28.14 -19.94 -10.12
N LEU C 203 -27.00 -19.32 -9.81
CA LEU C 203 -26.71 -18.93 -8.44
C LEU C 203 -27.74 -17.89 -7.98
N ALA C 204 -28.14 -17.01 -8.90
CA ALA C 204 -29.13 -16.00 -8.58
C ALA C 204 -30.43 -16.66 -8.13
N LYS C 205 -30.84 -17.71 -8.85
CA LYS C 205 -32.06 -18.41 -8.50
C LYS C 205 -31.93 -19.04 -7.11
N SER C 206 -30.76 -19.62 -6.84
CA SER C 206 -30.51 -20.24 -5.54
C SER C 206 -30.60 -19.20 -4.43
N LEU C 207 -29.99 -18.04 -4.65
CA LEU C 207 -30.00 -16.97 -3.66
C LEU C 207 -31.43 -16.47 -3.44
N GLU C 208 -32.17 -16.33 -4.53
CA GLU C 208 -33.55 -15.87 -4.45
C GLU C 208 -34.40 -16.81 -3.62
N ILE C 210 -33.30 -18.86 -1.32
CA ILE C 210 -32.84 -18.82 0.06
C ILE C 210 -33.46 -17.60 0.73
N ALA C 211 -33.51 -16.50 0.00
CA ALA C 211 -34.09 -15.26 0.52
C ALA C 211 -35.57 -15.45 0.80
N GLU C 212 -36.25 -16.18 -0.08
CA GLU C 212 -37.68 -16.41 0.08
C GLU C 212 -38.07 -17.52 1.06
N ASN C 213 -37.33 -18.62 1.04
CA ASN C 213 -37.65 -19.76 1.90
C ASN C 213 -36.79 -19.93 3.13
N GLY C 214 -35.74 -19.12 3.26
CA GLY C 214 -34.86 -19.25 4.41
C GLY C 214 -33.77 -20.29 4.19
N PRO C 215 -32.93 -20.54 5.21
CA PRO C 215 -31.85 -21.52 5.07
C PRO C 215 -32.32 -22.92 4.70
N ASP C 216 -33.59 -23.22 4.98
CA ASP C 216 -34.15 -24.53 4.64
C ASP C 216 -34.03 -24.80 3.14
N GLU C 217 -34.00 -23.75 2.34
CA GLU C 217 -33.86 -23.93 0.89
C GLU C 217 -32.58 -24.70 0.58
N PHE C 218 -31.50 -24.32 1.26
CA PHE C 218 -30.21 -24.95 1.06
C PHE C 218 -30.09 -26.34 1.68
N TYR C 219 -30.64 -26.52 2.88
CA TYR C 219 -30.52 -27.80 3.57
C TYR C 219 -31.65 -28.81 3.40
N LYS C 220 -32.79 -28.36 2.88
CA LYS C 220 -33.93 -29.27 2.69
C LYS C 220 -34.63 -29.14 1.35
N GLY C 221 -34.49 -27.98 0.72
CA GLY C 221 -35.16 -27.74 -0.54
C GLY C 221 -34.46 -28.13 -1.82
N THR C 222 -34.79 -27.42 -2.89
CA THR C 222 -34.23 -27.69 -4.20
C THR C 222 -32.70 -27.72 -4.21
N ILE C 223 -32.07 -26.75 -3.56
CA ILE C 223 -30.62 -26.71 -3.52
C ILE C 223 -30.09 -28.01 -2.91
N ALA C 224 -30.70 -28.43 -1.81
CA ALA C 224 -30.26 -29.65 -1.13
C ALA C 224 -30.34 -30.87 -2.06
N GLU C 225 -31.43 -30.97 -2.82
CA GLU C 225 -31.59 -32.10 -3.73
C GLU C 225 -30.56 -32.01 -4.86
N GLN C 226 -30.27 -30.79 -5.31
CA GLN C 226 -29.30 -30.62 -6.39
C GLN C 226 -27.92 -31.04 -5.93
N ILE C 227 -27.61 -30.82 -4.66
CA ILE C 227 -26.32 -31.22 -4.12
C ILE C 227 -26.28 -32.75 -4.00
N ALA C 228 -27.32 -33.33 -3.41
CA ALA C 228 -27.37 -34.78 -3.24
C ALA C 228 -27.33 -35.49 -4.58
N GLN C 229 -28.00 -34.92 -5.58
CA GLN C 229 -28.02 -35.53 -6.91
C GLN C 229 -26.65 -35.47 -7.55
N GLU C 230 -26.00 -34.31 -7.47
CA GLU C 230 -24.66 -34.14 -8.04
C GLU C 230 -23.74 -35.20 -7.45
N GLN C 232 -24.69 -38.19 -5.90
CA GLN C 232 -25.07 -39.54 -6.27
C GLN C 232 -24.64 -39.90 -7.69
N LYS C 233 -24.83 -38.97 -8.62
CA LYS C 233 -24.47 -39.19 -10.00
C LYS C 233 -22.97 -39.38 -10.21
N ASN C 234 -22.15 -38.71 -9.39
CA ASN C 234 -20.72 -38.79 -9.55
C ASN C 234 -19.88 -39.39 -8.43
N GLY C 235 -20.43 -40.38 -7.73
CA GLY C 235 -19.71 -41.03 -6.66
C GLY C 235 -19.35 -40.20 -5.45
N GLY C 236 -20.19 -39.23 -5.10
CA GLY C 236 -19.96 -38.41 -3.93
C GLY C 236 -20.72 -39.01 -2.76
N LEU C 237 -20.50 -38.50 -1.55
CA LEU C 237 -21.19 -39.04 -0.38
C LEU C 237 -22.29 -38.20 0.26
N ILE C 238 -22.24 -36.88 0.08
CA ILE C 238 -23.25 -36.01 0.69
C ILE C 238 -24.67 -36.34 0.24
N THR C 239 -25.53 -36.62 1.21
CA THR C 239 -26.92 -36.98 0.96
C THR C 239 -27.87 -35.93 1.51
N LYS C 240 -29.16 -36.08 1.21
CA LYS C 240 -30.17 -35.16 1.74
C LYS C 240 -30.15 -35.29 3.26
N GLU C 241 -29.91 -36.50 3.75
CA GLU C 241 -29.86 -36.74 5.18
C GLU C 241 -28.72 -35.95 5.82
N ASP C 242 -27.57 -35.92 5.15
CA ASP C 242 -26.42 -35.18 5.67
C ASP C 242 -26.78 -33.70 5.76
N LEU C 243 -27.40 -33.18 4.71
CA LEU C 243 -27.78 -31.78 4.68
C LEU C 243 -28.82 -31.42 5.74
N ALA C 244 -29.78 -32.32 5.96
CA ALA C 244 -30.81 -32.07 6.96
C ALA C 244 -30.24 -32.16 8.38
N ALA C 245 -29.15 -32.90 8.54
CA ALA C 245 -28.55 -33.06 9.86
C ALA C 245 -27.47 -32.02 10.16
N TYR C 246 -27.11 -31.23 9.17
CA TYR C 246 -26.09 -30.22 9.40
C TYR C 246 -26.55 -29.14 10.38
N LYS C 247 -25.61 -28.64 11.16
CA LYS C 247 -25.94 -27.58 12.09
C LYS C 247 -24.72 -26.73 12.40
N ALA C 248 -24.92 -25.41 12.44
CA ALA C 248 -23.85 -24.49 12.79
C ALA C 248 -23.88 -24.59 14.31
N VAL C 249 -22.73 -24.40 14.95
CA VAL C 249 -22.65 -24.52 16.40
C VAL C 249 -21.99 -23.32 17.06
N GLU C 250 -22.67 -22.73 18.03
CA GLU C 250 -22.11 -21.60 18.74
C GLU C 250 -21.19 -22.19 19.81
N ARG C 251 -19.96 -21.69 19.87
CA ARG C 251 -18.99 -22.21 20.84
C ARG C 251 -18.32 -21.08 21.60
N THR C 252 -17.66 -21.43 22.69
CA THR C 252 -16.97 -20.43 23.51
C THR C 252 -15.62 -20.07 22.87
N PRO C 253 -15.39 -18.77 22.65
CA PRO C 253 -14.13 -18.35 22.04
C PRO C 253 -12.92 -18.70 22.90
N ILE C 254 -11.77 -18.88 22.27
CA ILE C 254 -10.55 -19.14 23.01
C ILE C 254 -10.16 -17.74 23.46
N SER C 255 -9.72 -17.59 24.69
CA SER C 255 -9.33 -16.27 25.17
C SER C 255 -8.01 -16.36 25.91
N GLY C 256 -7.13 -15.41 25.64
CA GLY C 256 -5.84 -15.39 26.31
C GLY C 256 -5.48 -13.97 26.67
N ASP C 257 -4.58 -13.82 27.63
CA ASP C 257 -4.16 -12.49 28.04
C ASP C 257 -2.71 -12.32 27.61
N TYR C 258 -2.44 -11.24 26.88
CA TYR C 258 -1.09 -10.96 26.40
C TYR C 258 -0.74 -9.53 26.77
N ARG C 259 0.13 -9.38 27.76
CA ARG C 259 0.57 -8.06 28.22
C ARG C 259 -0.60 -7.13 28.53
N GLY C 260 -1.64 -7.68 29.14
CA GLY C 260 -2.80 -6.85 29.49
C GLY C 260 -3.92 -6.81 28.48
N TYR C 261 -3.65 -7.28 27.27
CA TYR C 261 -4.67 -7.32 26.21
C TYR C 261 -5.34 -8.68 26.25
N GLN C 262 -6.63 -8.72 25.90
CA GLN C 262 -7.35 -9.99 25.86
C GLN C 262 -7.53 -10.35 24.41
N VAL C 263 -7.02 -11.51 24.02
CA VAL C 263 -7.10 -11.98 22.65
C VAL C 263 -8.16 -13.07 22.53
N TYR C 264 -9.18 -12.80 21.70
CA TYR C 264 -10.24 -13.78 21.50
C TYR C 264 -10.13 -14.34 20.10
N SER C 265 -10.22 -15.66 19.99
CA SER C 265 -10.13 -16.28 18.68
C SER C 265 -10.93 -17.56 18.59
N PRO C 267 -12.06 -21.36 18.58
CA PRO C 267 -11.74 -22.60 19.29
C PRO C 267 -11.95 -23.77 18.34
N PRO C 268 -11.65 -25.01 18.80
CA PRO C 268 -11.86 -26.18 17.95
C PRO C 268 -13.31 -26.16 17.46
N PRO C 269 -13.59 -26.66 16.24
CA PRO C 269 -12.75 -27.29 15.22
C PRO C 269 -11.63 -26.50 14.58
N SER C 270 -11.34 -25.30 15.08
CA SER C 270 -10.21 -24.57 14.53
C SER C 270 -9.06 -24.74 15.51
N SER C 271 -7.84 -24.71 14.99
CA SER C 271 -6.64 -24.83 15.82
C SER C 271 -6.06 -23.43 15.98
N GLY C 272 -6.61 -22.48 15.23
CA GLY C 272 -6.12 -21.12 15.25
C GLY C 272 -6.08 -20.42 16.60
N GLY C 273 -7.23 -20.31 17.24
CA GLY C 273 -7.30 -19.65 18.53
C GLY C 273 -6.33 -20.20 19.55
N ILE C 274 -6.31 -21.52 19.69
CA ILE C 274 -5.43 -22.17 20.66
C ILE C 274 -3.95 -21.90 20.43
N HIS C 275 -3.47 -22.10 19.20
CA HIS C 275 -2.06 -21.88 18.94
C HIS C 275 -1.61 -20.43 18.95
N ILE C 276 -2.50 -19.51 18.59
CA ILE C 276 -2.15 -18.10 18.62
C ILE C 276 -1.96 -17.70 20.09
N VAL C 277 -2.90 -18.12 20.94
CA VAL C 277 -2.81 -17.81 22.37
C VAL C 277 -1.60 -18.51 22.97
N GLN C 278 -1.38 -19.77 22.58
CA GLN C 278 -0.25 -20.54 23.10
C GLN C 278 1.08 -19.86 22.73
N ILE C 279 1.21 -19.44 21.48
CA ILE C 279 2.44 -18.80 21.04
C ILE C 279 2.62 -17.44 21.72
N LEU C 280 1.53 -16.69 21.87
CA LEU C 280 1.61 -15.41 22.54
C LEU C 280 2.04 -15.63 23.99
N ASN C 281 1.51 -16.70 24.60
CA ASN C 281 1.88 -17.02 25.97
C ASN C 281 3.39 -17.23 26.05
N ILE C 282 3.92 -17.95 25.06
CA ILE C 282 5.36 -18.21 25.00
C ILE C 282 6.12 -16.90 24.84
N LEU C 283 5.69 -16.08 23.87
CA LEU C 283 6.34 -14.81 23.59
C LEU C 283 6.29 -13.81 24.75
N GLU C 284 5.24 -13.88 25.57
CA GLU C 284 5.11 -12.95 26.68
C GLU C 284 6.32 -12.99 27.60
N ASN C 285 7.04 -14.10 27.59
CA ASN C 285 8.22 -14.27 28.42
C ASN C 285 9.45 -13.55 27.89
N PHE C 286 9.34 -12.97 26.70
CA PHE C 286 10.45 -12.23 26.11
C PHE C 286 10.06 -10.77 25.89
N ASP C 287 11.06 -9.90 25.89
CA ASP C 287 10.82 -8.48 25.68
C ASP C 287 10.84 -8.22 24.17
N LYS C 289 9.32 -6.11 22.27
CA LYS C 289 9.45 -4.71 21.87
C LYS C 289 10.91 -4.31 21.76
N LYS C 290 11.73 -4.74 22.72
CA LYS C 290 13.14 -4.42 22.73
C LYS C 290 13.87 -4.97 21.51
N TYR C 291 13.52 -6.19 21.10
CA TYR C 291 14.14 -6.80 19.94
C TYR C 291 13.70 -6.05 18.69
N GLY C 292 12.40 -5.79 18.60
CA GLY C 292 11.87 -5.04 17.47
C GLY C 292 11.58 -5.82 16.21
N PHE C 293 10.66 -5.28 15.42
CA PHE C 293 10.27 -5.91 14.17
C PHE C 293 11.48 -6.11 13.25
N GLY C 294 11.49 -7.24 12.56
CA GLY C 294 12.57 -7.50 11.63
C GLY C 294 13.94 -7.78 12.21
N SER C 295 14.01 -8.01 13.52
CA SER C 295 15.30 -8.31 14.15
C SER C 295 15.46 -9.83 14.17
N ALA C 296 16.70 -10.30 13.99
CA ALA C 296 16.95 -11.73 13.98
C ALA C 296 16.46 -12.39 15.27
N ASP C 297 16.67 -11.72 16.39
CA ASP C 297 16.25 -12.26 17.67
C ASP C 297 14.73 -12.43 17.77
N ALA C 298 13.98 -11.40 17.35
CA ALA C 298 12.53 -11.47 17.42
C ALA C 298 12.03 -12.63 16.56
N GLN C 300 13.79 -15.26 15.51
CA GLN C 300 14.29 -16.51 16.06
C GLN C 300 13.34 -17.05 17.12
N ILE C 301 13.01 -16.20 18.09
CA ILE C 301 12.12 -16.57 19.19
C ILE C 301 10.75 -17.03 18.67
N ALA C 303 9.91 -18.06 15.55
CA ALA C 303 10.01 -19.28 14.74
C ALA C 303 10.12 -20.51 15.65
N GLU C 304 10.90 -20.38 16.72
CA GLU C 304 11.07 -21.49 17.64
C GLU C 304 9.77 -21.80 18.37
N ALA C 305 9.09 -20.76 18.82
CA ALA C 305 7.82 -20.93 19.53
C ALA C 305 6.81 -21.60 18.61
N GLU C 306 6.81 -21.21 17.35
CA GLU C 306 5.88 -21.77 16.37
C GLU C 306 6.09 -23.28 16.17
N LYS C 307 7.34 -23.73 16.25
CA LYS C 307 7.61 -25.15 16.09
C LYS C 307 6.86 -25.99 17.11
N TYR C 308 6.94 -25.59 18.38
CA TYR C 308 6.27 -26.33 19.44
C TYR C 308 4.76 -26.31 19.29
N ALA C 309 4.22 -25.18 18.83
CA ALA C 309 2.78 -25.04 18.64
C ALA C 309 2.30 -26.00 17.55
N TYR C 310 2.98 -25.99 16.41
CA TYR C 310 2.58 -26.86 15.32
C TYR C 310 2.78 -28.33 15.65
N ALA C 311 3.76 -28.64 16.51
CA ALA C 311 3.98 -30.02 16.91
C ALA C 311 2.77 -30.45 17.73
N ASP C 312 2.35 -29.61 18.67
CA ASP C 312 1.18 -29.91 19.50
C ASP C 312 -0.07 -30.00 18.62
N ARG C 313 -0.15 -29.17 17.60
CA ARG C 313 -1.30 -29.16 16.69
C ARG C 313 -1.54 -30.54 16.07
N SER C 314 -0.46 -31.16 15.61
CA SER C 314 -0.52 -32.47 14.96
C SER C 314 -1.03 -33.59 15.85
N GLU C 315 -0.97 -33.38 17.16
CA GLU C 315 -1.39 -34.40 18.11
C GLU C 315 -2.69 -34.17 18.86
N TYR C 316 -2.86 -32.96 19.38
CA TYR C 316 -4.02 -32.64 20.21
C TYR C 316 -5.24 -31.96 19.61
N LEU C 317 -5.14 -31.49 18.37
CA LEU C 317 -6.26 -30.78 17.76
C LEU C 317 -7.18 -31.56 16.83
N GLY C 318 -8.48 -31.32 16.99
CA GLY C 318 -9.48 -31.99 16.17
C GLY C 318 -10.87 -31.52 16.57
N ASP C 319 -11.90 -32.09 15.95
CA ASP C 319 -13.29 -31.73 16.26
C ASP C 319 -13.51 -32.02 17.74
N PRO C 320 -13.81 -30.98 18.55
CA PRO C 320 -14.03 -31.15 19.99
C PRO C 320 -15.23 -32.02 20.36
N ASP C 321 -16.13 -32.25 19.41
CA ASP C 321 -17.29 -33.07 19.66
C ASP C 321 -16.96 -34.56 19.56
N PHE C 322 -15.78 -34.86 19.04
CA PHE C 322 -15.36 -36.26 18.88
C PHE C 322 -14.16 -36.63 19.74
N VAL C 323 -13.26 -35.68 19.92
CA VAL C 323 -12.08 -35.91 20.73
C VAL C 323 -11.97 -34.79 21.73
N LYS C 324 -11.51 -35.11 22.93
CA LYS C 324 -11.35 -34.08 23.94
C LYS C 324 -10.06 -33.33 23.67
N VAL C 325 -10.17 -32.05 23.34
CA VAL C 325 -8.99 -31.23 23.08
C VAL C 325 -8.54 -30.63 24.40
N PRO C 326 -7.27 -30.83 24.76
CA PRO C 326 -6.72 -30.30 26.01
C PRO C 326 -6.42 -28.81 25.86
N TRP C 327 -7.43 -28.02 25.52
CA TRP C 327 -7.25 -26.60 25.32
C TRP C 327 -6.75 -25.85 26.55
N GLN C 328 -7.18 -26.27 27.73
CA GLN C 328 -6.75 -25.64 28.98
C GLN C 328 -5.22 -25.73 29.11
N ALA C 329 -4.70 -26.95 28.97
CA ALA C 329 -3.26 -27.16 29.08
C ALA C 329 -2.47 -26.45 27.99
N LEU C 330 -2.97 -26.53 26.75
CA LEU C 330 -2.28 -25.90 25.64
C LEU C 330 -2.18 -24.38 25.77
N THR C 331 -3.15 -23.77 26.45
CA THR C 331 -3.15 -22.33 26.65
C THR C 331 -2.70 -21.93 28.05
N ASN C 332 -2.17 -22.91 28.78
CA ASN C 332 -1.67 -22.70 30.14
C ASN C 332 -0.34 -21.96 30.10
N LYS C 333 -0.23 -20.85 30.85
CA LYS C 333 0.99 -20.06 30.86
C LYS C 333 2.21 -20.77 31.46
N ALA C 334 1.98 -21.67 32.41
CA ALA C 334 3.08 -22.41 33.00
C ALA C 334 3.67 -23.32 31.91
N TYR C 335 2.79 -23.89 31.09
CA TYR C 335 3.24 -24.76 30.00
C TYR C 335 4.02 -23.92 28.99
N ALA C 336 3.50 -22.73 28.68
CA ALA C 336 4.17 -21.85 27.73
C ALA C 336 5.56 -21.50 28.26
N LYS C 337 5.65 -21.31 29.57
CA LYS C 337 6.93 -20.98 30.19
C LYS C 337 7.92 -22.12 30.03
N SER C 338 7.45 -23.35 30.16
CA SER C 338 8.32 -24.52 30.02
C SER C 338 8.89 -24.56 28.60
N ILE C 339 8.14 -24.00 27.65
CA ILE C 339 8.57 -23.97 26.26
C ILE C 339 9.53 -22.80 26.04
N ALA C 340 9.18 -21.64 26.61
CA ALA C 340 10.02 -20.45 26.47
C ALA C 340 11.43 -20.73 26.99
N ASP C 341 11.53 -21.55 28.03
CA ASP C 341 12.81 -21.89 28.63
C ASP C 341 13.69 -22.74 27.72
N GLN C 342 13.08 -23.41 26.75
CA GLN C 342 13.81 -24.27 25.83
C GLN C 342 14.34 -23.50 24.62
N ILE C 343 13.89 -22.26 24.46
CA ILE C 343 14.31 -21.44 23.33
C ILE C 343 15.67 -20.79 23.53
N ASP C 344 16.58 -21.07 22.59
CA ASP C 344 17.93 -20.49 22.62
C ASP C 344 17.95 -19.46 21.48
N ILE C 345 18.03 -18.18 21.84
CA ILE C 345 18.03 -17.13 20.84
C ILE C 345 19.22 -17.19 19.88
N ASN C 346 20.23 -17.99 20.22
CA ASN C 346 21.41 -18.09 19.37
C ASN C 346 21.51 -19.43 18.64
N LYS C 347 20.60 -20.35 18.94
CA LYS C 347 20.63 -21.66 18.28
C LYS C 347 19.25 -22.28 18.18
N ALA C 348 18.82 -22.49 16.94
CA ALA C 348 17.52 -23.10 16.67
C ALA C 348 17.57 -24.60 16.96
N LYS C 349 16.44 -25.15 17.41
CA LYS C 349 16.35 -26.58 17.69
C LYS C 349 15.66 -27.25 16.50
N PRO C 350 16.36 -28.18 15.83
CA PRO C 350 15.80 -28.89 14.68
C PRO C 350 14.43 -29.48 15.01
N SER C 351 13.50 -29.41 14.05
CA SER C 351 12.16 -29.93 14.27
C SER C 351 12.18 -31.43 14.60
N SER C 352 13.21 -32.12 14.14
CA SER C 352 13.33 -33.55 14.40
C SER C 352 13.53 -33.81 15.89
N GLU C 353 13.89 -32.76 16.62
CA GLU C 353 14.11 -32.87 18.07
C GLU C 353 12.93 -32.34 18.85
N ILE C 354 11.85 -32.01 18.16
CA ILE C 354 10.66 -31.48 18.81
C ILE C 354 9.46 -32.38 18.59
N ARG C 355 8.81 -32.73 19.69
CA ARG C 355 7.63 -33.59 19.68
C ARG C 355 6.51 -32.92 20.45
N PRO C 356 5.28 -33.43 20.33
CA PRO C 356 4.16 -32.81 21.06
C PRO C 356 4.55 -32.77 22.53
N GLY C 357 4.17 -31.70 23.22
CA GLY C 357 4.52 -31.59 24.62
C GLY C 357 3.74 -32.52 25.53
N LYS C 358 4.28 -32.76 26.72
CA LYS C 358 3.62 -33.61 27.71
C LYS C 358 2.79 -32.66 28.56
N LEU C 359 1.47 -32.76 28.40
CA LEU C 359 0.54 -31.87 29.07
C LEU C 359 0.08 -32.28 30.46
N ALA C 360 0.30 -33.54 30.84
CA ALA C 360 -0.13 -34.04 32.14
C ALA C 360 0.09 -33.09 33.31
N PRO C 361 1.30 -32.52 33.45
CA PRO C 361 1.56 -31.59 34.56
C PRO C 361 0.80 -30.27 34.50
N TYR C 362 0.12 -30.00 33.39
CA TYR C 362 -0.62 -28.76 33.23
C TYR C 362 -2.12 -28.96 33.10
N GLU C 363 -2.62 -30.11 33.56
CA GLU C 363 -4.04 -30.41 33.49
C GLU C 363 -4.78 -29.74 34.64
N THR D 1 -9.63 -19.46 0.70
CA THR D 1 -10.12 -18.85 1.93
C THR D 1 -10.13 -17.33 1.80
N THR D 2 -10.99 -16.68 2.55
CA THR D 2 -11.04 -15.23 2.54
C THR D 2 -11.52 -14.73 3.89
N HIS D 3 -11.01 -13.59 4.32
CA HIS D 3 -11.39 -13.03 5.60
C HIS D 3 -11.87 -11.59 5.46
N TYR D 4 -12.87 -11.23 6.26
CA TYR D 4 -13.36 -9.86 6.25
C TYR D 4 -13.73 -9.44 7.67
N SER D 5 -13.68 -8.14 7.92
CA SER D 5 -13.98 -7.59 9.25
C SER D 5 -14.96 -6.45 9.15
N VAL D 6 -15.79 -6.30 10.19
CA VAL D 6 -16.80 -5.26 10.22
C VAL D 6 -16.96 -4.69 11.63
N VAL D 7 -17.11 -3.36 11.71
CA VAL D 7 -17.34 -2.68 12.98
C VAL D 7 -18.41 -1.62 12.68
N ASP D 8 -19.50 -1.63 13.43
CA ASP D 8 -20.55 -0.65 13.20
C ASP D 8 -20.47 0.55 14.15
N LYS D 9 -21.33 1.53 13.91
CA LYS D 9 -21.34 2.76 14.71
C LYS D 9 -21.63 2.57 16.19
N ASP D 10 -22.18 1.41 16.56
CA ASP D 10 -22.50 1.12 17.95
C ASP D 10 -21.36 0.45 18.69
N GLY D 11 -20.33 0.04 17.96
CA GLY D 11 -19.21 -0.61 18.60
C GLY D 11 -19.19 -2.12 18.45
N ASN D 12 -20.20 -2.67 17.77
CA ASN D 12 -20.28 -4.10 17.55
C ASN D 12 -19.23 -4.48 16.52
N ALA D 13 -18.61 -5.63 16.70
CA ALA D 13 -17.58 -6.09 15.79
C ALA D 13 -17.80 -7.53 15.35
N VAL D 14 -17.41 -7.82 14.11
CA VAL D 14 -17.55 -9.14 13.54
C VAL D 14 -16.32 -9.45 12.68
N ALA D 15 -15.81 -10.67 12.81
CA ALA D 15 -14.67 -11.12 12.02
C ALA D 15 -15.10 -12.46 11.42
N VAL D 16 -15.03 -12.55 10.10
CA VAL D 16 -15.43 -13.78 9.41
C VAL D 16 -14.35 -14.32 8.49
N THR D 17 -14.05 -15.60 8.62
CA THR D 17 -13.10 -16.26 7.73
C THR D 17 -13.86 -17.47 7.21
N TYR D 18 -14.07 -17.56 5.90
CA TYR D 18 -14.74 -18.75 5.38
C TYR D 18 -14.08 -19.18 4.09
N THR D 19 -14.38 -20.37 3.60
CA THR D 19 -13.63 -20.87 2.46
C THR D 19 -14.22 -22.09 1.77
N LEU D 20 -13.65 -22.43 0.62
CA LEU D 20 -14.01 -23.63 -0.15
C LEU D 20 -12.78 -24.53 0.00
N ASN D 21 -11.80 -24.00 0.71
CA ASN D 21 -10.48 -24.58 0.97
C ASN D 21 -9.58 -24.07 -0.16
N THR D 22 -9.24 -24.89 -1.16
CA THR D 22 -8.38 -24.36 -2.22
C THR D 22 -9.18 -23.41 -3.12
N THR D 23 -8.49 -22.74 -4.04
CA THR D 23 -9.15 -21.78 -4.94
C THR D 23 -10.21 -22.45 -5.81
N PHE D 24 -11.46 -22.02 -5.62
CA PHE D 24 -12.61 -22.55 -6.33
C PHE D 24 -12.96 -23.94 -5.79
N GLY D 25 -12.28 -24.35 -4.71
CA GLY D 25 -12.53 -25.66 -4.14
C GLY D 25 -12.29 -26.77 -5.14
N THR D 26 -13.22 -27.71 -5.24
CA THR D 26 -13.10 -28.82 -6.18
C THR D 26 -13.32 -28.31 -7.61
N GLY D 27 -13.95 -27.14 -7.73
CA GLY D 27 -14.24 -26.59 -9.04
C GLY D 27 -15.53 -27.20 -9.57
N ILE D 28 -16.15 -28.04 -8.75
CA ILE D 28 -17.41 -28.70 -9.12
C ILE D 28 -18.61 -27.85 -8.72
N VAL D 29 -19.50 -27.58 -9.68
CA VAL D 29 -20.71 -26.82 -9.38
C VAL D 29 -21.80 -27.86 -9.14
N ALA D 30 -22.59 -27.66 -8.09
CA ALA D 30 -23.65 -28.60 -7.75
C ALA D 30 -24.85 -28.49 -8.70
N GLY D 31 -24.86 -29.33 -9.72
CA GLY D 31 -25.96 -29.32 -10.67
C GLY D 31 -26.29 -27.94 -11.22
N GLU D 32 -27.57 -27.60 -11.21
CA GLU D 32 -28.02 -26.31 -11.71
C GLU D 32 -28.16 -25.24 -10.63
N SER D 33 -27.49 -25.44 -9.50
CA SER D 33 -27.57 -24.48 -8.40
C SER D 33 -26.60 -23.32 -8.59
N GLY D 34 -25.56 -23.54 -9.38
CA GLY D 34 -24.56 -22.51 -9.61
C GLY D 34 -23.61 -22.36 -8.43
N ILE D 35 -23.68 -23.31 -7.50
CA ILE D 35 -22.83 -23.28 -6.30
C ILE D 35 -21.61 -24.19 -6.35
N LEU D 36 -20.42 -23.60 -6.21
CA LEU D 36 -19.17 -24.36 -6.21
C LEU D 36 -19.04 -25.15 -4.92
N LEU D 37 -18.50 -26.37 -5.02
CA LEU D 37 -18.33 -27.24 -3.87
C LEU D 37 -16.90 -27.30 -3.32
N ASN D 38 -16.80 -27.19 -2.00
CA ASN D 38 -15.53 -27.22 -1.27
C ASN D 38 -14.78 -28.54 -1.38
N ASN D 39 -13.48 -28.47 -1.06
CA ASN D 39 -12.67 -29.68 -0.99
C ASN D 39 -12.04 -29.65 0.40
N GLN D 40 -12.89 -29.38 1.40
CA GLN D 40 -12.47 -29.28 2.79
C GLN D 40 -12.02 -30.61 3.42
N ASP D 42 -9.74 -32.48 2.63
CA ASP D 42 -8.28 -32.62 2.65
C ASP D 42 -7.70 -32.08 3.96
N ASP D 43 -8.52 -31.37 4.73
CA ASP D 43 -8.06 -30.81 5.99
C ASP D 43 -7.96 -31.89 7.07
N PHE D 44 -8.58 -33.04 6.80
CA PHE D 44 -8.49 -34.18 7.73
C PHE D 44 -7.11 -34.78 7.48
N SER D 45 -6.66 -35.63 8.40
CA SER D 45 -5.42 -36.33 8.22
C SER D 45 -5.88 -37.60 7.50
N ALA D 46 -5.39 -37.83 6.28
CA ALA D 46 -5.80 -39.01 5.52
C ALA D 46 -5.14 -40.27 6.04
N LYS D 47 -3.97 -40.10 6.64
CA LYS D 47 -3.19 -41.19 7.20
C LYS D 47 -2.20 -40.57 8.17
N PRO D 48 -2.04 -41.16 9.37
CA PRO D 48 -1.12 -40.63 10.36
C PRO D 48 0.29 -40.41 9.83
N GLY D 49 0.82 -39.20 10.07
CA GLY D 49 2.17 -38.88 9.62
C GLY D 49 2.35 -38.42 8.19
N VAL D 50 1.29 -38.43 7.40
CA VAL D 50 1.39 -37.97 6.01
C VAL D 50 0.81 -36.57 5.90
N PRO D 51 1.56 -35.62 5.31
CA PRO D 51 1.06 -34.25 5.19
C PRO D 51 -0.02 -34.01 4.14
N ASN D 52 -0.84 -32.99 4.35
CA ASN D 52 -1.88 -32.66 3.38
C ASN D 52 -1.35 -31.57 2.47
N VAL D 53 -2.22 -30.92 1.70
CA VAL D 53 -1.77 -29.89 0.77
C VAL D 53 -1.01 -28.72 1.39
N TYR D 54 -1.20 -28.50 2.70
CA TYR D 54 -0.51 -27.40 3.37
C TYR D 54 0.68 -27.90 4.20
N GLY D 55 1.00 -29.18 4.06
CA GLY D 55 2.12 -29.74 4.78
C GLY D 55 1.82 -30.07 6.24
N LEU D 56 0.56 -29.99 6.61
CA LEU D 56 0.16 -30.29 7.99
C LEU D 56 -0.06 -31.78 8.17
N VAL D 57 0.23 -32.28 9.37
CA VAL D 57 0.06 -33.70 9.65
C VAL D 57 -0.85 -33.93 10.86
N GLY D 58 -1.29 -35.16 11.03
CA GLY D 58 -2.15 -35.48 12.15
C GLY D 58 -2.15 -36.95 12.51
N GLY D 59 -3.08 -37.34 13.37
CA GLY D 59 -3.20 -38.72 13.80
C GLY D 59 -4.66 -39.06 14.06
N ASP D 60 -4.94 -39.56 15.26
CA ASP D 60 -6.31 -39.94 15.61
C ASP D 60 -7.26 -38.76 15.80
N ALA D 61 -6.77 -37.71 16.46
CA ALA D 61 -7.58 -36.54 16.74
C ALA D 61 -8.25 -35.96 15.50
N ASN D 62 -7.47 -35.78 14.43
CA ASN D 62 -7.98 -35.22 13.19
C ASN D 62 -8.16 -36.24 12.07
N ALA D 63 -8.41 -37.49 12.43
CA ALA D 63 -8.62 -38.51 11.42
C ALA D 63 -10.02 -38.33 10.83
N VAL D 64 -10.20 -38.77 9.60
CA VAL D 64 -11.50 -38.68 8.95
C VAL D 64 -12.48 -39.55 9.73
N GLY D 65 -13.71 -39.07 9.86
CA GLY D 65 -14.74 -39.81 10.57
C GLY D 65 -16.09 -39.30 10.12
N PRO D 66 -17.15 -40.11 10.20
CA PRO D 66 -18.46 -39.62 9.78
C PRO D 66 -18.96 -38.49 10.67
N ASN D 67 -19.54 -37.47 10.03
CA ASN D 67 -20.10 -36.30 10.71
C ASN D 67 -19.10 -35.40 11.42
N LYS D 68 -17.82 -35.71 11.29
CA LYS D 68 -16.78 -34.94 11.96
C LYS D 68 -16.39 -33.69 11.17
N ARG D 69 -16.01 -32.64 11.90
CA ARG D 69 -15.59 -31.38 11.27
C ARG D 69 -14.07 -31.44 11.15
N PRO D 70 -13.54 -31.34 9.91
CA PRO D 70 -12.08 -31.39 9.76
C PRO D 70 -11.41 -30.20 10.44
N LEU D 71 -10.24 -30.43 11.01
CA LEU D 71 -9.49 -29.38 11.69
C LEU D 71 -9.14 -28.24 10.73
N SER D 72 -9.32 -27.01 11.21
CA SER D 72 -9.01 -25.83 10.40
C SER D 72 -7.92 -25.00 11.06
N SER D 73 -7.37 -24.05 10.31
CA SER D 73 -6.34 -23.14 10.84
C SER D 73 -6.92 -21.73 10.84
N SER D 75 -8.44 -18.29 11.62
CA SER D 75 -8.40 -17.56 12.87
C SER D 75 -9.01 -16.17 12.95
N PRO D 76 -10.34 -16.06 12.76
CA PRO D 76 -10.93 -14.72 12.87
C PRO D 76 -10.62 -14.33 14.32
N THR D 77 -10.04 -13.16 14.51
CA THR D 77 -9.61 -12.74 15.84
C THR D 77 -10.00 -11.33 16.25
N ILE D 78 -10.29 -11.17 17.53
CA ILE D 78 -10.65 -9.86 18.08
C ILE D 78 -9.84 -9.63 19.34
N VAL D 79 -9.08 -8.54 19.35
CA VAL D 79 -8.25 -8.19 20.50
C VAL D 79 -8.94 -7.07 21.26
N VAL D 80 -8.97 -7.20 22.58
CA VAL D 80 -9.60 -6.21 23.44
C VAL D 80 -8.56 -5.47 24.27
N LYS D 81 -8.65 -4.15 24.27
CA LYS D 81 -7.73 -3.29 25.02
C LYS D 81 -8.54 -2.43 25.99
N ASP D 82 -8.12 -2.42 27.25
CA ASP D 82 -8.80 -1.65 28.27
C ASP D 82 -10.30 -1.93 28.28
N GLY D 83 -10.65 -3.19 28.08
CA GLY D 83 -12.05 -3.59 28.08
C GLY D 83 -12.87 -3.30 26.84
N LYS D 84 -12.26 -2.67 25.83
CA LYS D 84 -12.97 -2.35 24.61
C LYS D 84 -12.36 -3.01 23.39
N THR D 85 -13.20 -3.34 22.40
CA THR D 85 -12.72 -3.96 21.17
C THR D 85 -11.66 -3.02 20.61
N TRP D 86 -10.50 -3.59 20.27
CA TRP D 86 -9.38 -2.78 19.77
C TRP D 86 -8.85 -3.20 18.40
N LEU D 87 -8.80 -4.49 18.13
CA LEU D 87 -8.32 -4.96 16.84
C LEU D 87 -9.18 -6.12 16.34
N VAL D 88 -9.63 -6.01 15.10
CA VAL D 88 -10.45 -7.05 14.46
C VAL D 88 -9.63 -7.48 13.26
N THR D 89 -9.25 -8.76 13.20
CA THR D 89 -8.43 -9.20 12.09
C THR D 89 -8.62 -10.67 11.74
N GLY D 90 -7.87 -11.13 10.74
CA GLY D 90 -7.95 -12.50 10.29
C GLY D 90 -7.29 -12.57 8.92
N SER D 91 -7.22 -13.76 8.34
CA SER D 91 -6.57 -13.90 7.04
C SER D 91 -6.65 -15.32 6.50
N PRO D 92 -6.48 -15.46 5.18
CA PRO D 92 -6.50 -16.79 4.55
C PRO D 92 -5.04 -17.25 4.59
N GLY D 93 -4.76 -18.43 4.04
CA GLY D 93 -3.38 -18.90 4.02
C GLY D 93 -3.14 -20.32 4.50
N GLY D 94 -4.21 -21.09 4.69
CA GLY D 94 -4.04 -22.46 5.15
C GLY D 94 -3.26 -22.50 6.45
N SER D 95 -2.20 -23.31 6.48
CA SER D 95 -1.37 -23.45 7.68
C SER D 95 -0.76 -22.11 8.11
N ARG D 96 -0.58 -21.20 7.16
CA ARG D 96 0.03 -19.90 7.46
C ARG D 96 -0.92 -18.90 8.13
N ILE D 97 -2.20 -19.22 8.22
CA ILE D 97 -3.14 -18.30 8.84
C ILE D 97 -2.72 -17.99 10.28
N ILE D 98 -2.38 -19.03 11.02
CA ILE D 98 -1.98 -18.87 12.41
C ILE D 98 -0.85 -17.88 12.60
N THR D 99 0.23 -18.01 11.82
CA THR D 99 1.36 -17.10 11.95
C THR D 99 1.08 -15.71 11.39
N THR D 100 0.25 -15.63 10.36
CA THR D 100 -0.08 -14.32 9.79
C THR D 100 -0.86 -13.49 10.80
N VAL D 101 -1.89 -14.09 11.40
CA VAL D 101 -2.66 -13.37 12.40
C VAL D 101 -1.80 -13.08 13.62
N LEU D 102 -0.95 -14.02 14.00
CA LEU D 102 -0.06 -13.84 15.14
C LEU D 102 0.79 -12.59 14.94
N GLN D 103 1.35 -12.43 13.74
CA GLN D 103 2.17 -11.27 13.45
C GLN D 103 1.36 -9.98 13.49
N VAL D 105 -1.06 -9.36 15.50
CA VAL D 105 -1.21 -9.06 16.92
C VAL D 105 0.12 -8.55 17.50
N VAL D 106 1.22 -9.24 17.22
CA VAL D 106 2.52 -8.82 17.72
C VAL D 106 2.89 -7.45 17.17
N ASN D 107 2.66 -7.25 15.88
CA ASN D 107 2.98 -5.96 15.24
C ASN D 107 2.23 -4.82 15.91
N SER D 108 0.98 -5.06 16.26
CA SER D 108 0.14 -4.06 16.88
C SER D 108 0.47 -3.80 18.35
N ILE D 109 0.65 -4.87 19.11
CA ILE D 109 0.93 -4.76 20.54
C ILE D 109 2.39 -4.48 20.92
N ASP D 110 3.30 -5.32 20.46
CA ASP D 110 4.71 -5.20 20.79
C ASP D 110 5.47 -4.10 20.04
N TYR D 111 5.19 -3.96 18.75
CA TYR D 111 5.90 -2.98 17.92
C TYR D 111 5.16 -1.65 17.75
N GLY D 112 3.96 -1.57 18.31
CA GLY D 112 3.19 -0.34 18.21
C GLY D 112 2.95 0.20 16.82
N LEU D 113 2.71 -0.69 15.86
CA LEU D 113 2.46 -0.26 14.48
C LEU D 113 0.97 0.01 14.25
N ASN D 114 0.65 1.02 13.45
CA ASN D 114 -0.76 1.29 13.20
C ASN D 114 -1.25 0.12 12.33
N VAL D 115 -2.55 -0.04 12.19
CA VAL D 115 -3.08 -1.17 11.44
C VAL D 115 -2.56 -1.29 10.00
N ALA D 116 -2.31 -0.17 9.33
CA ALA D 116 -1.78 -0.21 7.97
C ALA D 116 -0.31 -0.65 7.98
N GLU D 117 0.47 -0.09 8.90
CA GLU D 117 1.88 -0.47 9.01
C GLU D 117 1.99 -1.96 9.30
N ALA D 118 1.18 -2.44 10.22
CA ALA D 118 1.19 -3.85 10.60
C ALA D 118 0.85 -4.76 9.43
N THR D 119 -0.07 -4.28 8.59
CA THR D 119 -0.54 -5.03 7.42
C THR D 119 0.49 -5.09 6.28
N ASN D 120 1.18 -3.99 6.03
CA ASN D 120 2.16 -3.93 4.96
C ASN D 120 3.54 -4.49 5.33
N ALA D 121 3.74 -4.80 6.60
CA ALA D 121 5.03 -5.33 7.04
C ALA D 121 5.23 -6.74 6.49
N PRO D 122 6.49 -7.12 6.21
CA PRO D 122 6.79 -8.44 5.69
C PRO D 122 6.49 -9.55 6.73
N ARG D 123 6.26 -10.76 6.24
CA ARG D 123 5.93 -11.88 7.12
C ARG D 123 6.87 -13.07 7.01
N PHE D 124 7.00 -13.82 8.10
CA PHE D 124 7.82 -15.03 8.13
C PHE D 124 6.95 -16.12 8.75
N HIS D 125 7.33 -17.37 8.57
CA HIS D 125 6.52 -18.48 9.04
C HIS D 125 7.28 -19.78 9.23
N HIS D 126 6.96 -20.50 10.30
CA HIS D 126 7.57 -21.80 10.55
C HIS D 126 6.45 -22.68 11.07
N GLN D 127 6.26 -23.84 10.45
CA GLN D 127 5.19 -24.73 10.89
C GLN D 127 5.71 -26.08 11.37
N TRP D 128 6.93 -26.08 11.91
CA TRP D 128 7.55 -27.30 12.43
C TRP D 128 7.95 -28.25 11.29
N LEU D 129 6.95 -28.75 10.58
CA LEU D 129 7.19 -29.65 9.44
C LEU D 129 6.45 -29.07 8.24
N PRO D 130 7.18 -28.78 7.14
CA PRO D 130 8.62 -28.93 6.92
C PRO D 130 9.45 -28.05 7.84
N ASP D 131 10.70 -28.44 8.09
CA ASP D 131 11.57 -27.64 8.94
C ASP D 131 12.25 -26.55 8.13
N GLU D 132 11.56 -25.44 7.98
CA GLU D 132 12.08 -24.30 7.23
C GLU D 132 11.43 -23.03 7.72
N LEU D 133 12.22 -21.97 7.80
CA LEU D 133 11.71 -20.67 8.23
C LEU D 133 11.40 -19.95 6.94
N ARG D 134 10.12 -19.94 6.57
CA ARG D 134 9.68 -19.29 5.34
C ARG D 134 9.59 -17.79 5.55
N VAL D 135 10.07 -17.02 4.56
CA VAL D 135 10.02 -15.57 4.63
C VAL D 135 9.57 -14.97 3.31
N GLU D 136 8.97 -13.79 3.37
CA GLU D 136 8.56 -13.07 2.17
C GLU D 136 9.74 -12.14 1.89
N LYS D 137 9.68 -11.42 0.78
CA LYS D 137 10.73 -10.46 0.47
C LYS D 137 10.53 -9.38 1.52
N GLY D 138 11.57 -8.59 1.80
CA GLY D 138 11.39 -7.53 2.76
C GLY D 138 12.25 -7.51 4.01
N PHE D 139 12.89 -8.64 4.33
CA PHE D 139 13.74 -8.68 5.50
C PHE D 139 15.17 -8.36 5.09
N SER D 140 15.92 -7.72 6.00
CA SER D 140 17.29 -7.34 5.73
C SER D 140 18.24 -8.51 5.49
N PRO D 141 19.16 -8.36 4.53
CA PRO D 141 20.13 -9.42 4.24
C PRO D 141 20.97 -9.69 5.48
N ASP D 142 21.25 -8.63 6.23
CA ASP D 142 22.03 -8.71 7.47
C ASP D 142 21.30 -9.60 8.45
N THR D 143 19.98 -9.42 8.52
CA THR D 143 19.16 -10.18 9.43
C THR D 143 19.04 -11.64 9.04
N LEU D 144 18.82 -11.91 7.75
CA LEU D 144 18.70 -13.28 7.28
C LEU D 144 20.01 -14.04 7.51
N LYS D 145 21.14 -13.33 7.42
CA LYS D 145 22.43 -13.97 7.64
C LYS D 145 22.51 -14.47 9.07
N LEU D 146 22.12 -13.60 10.01
CA LEU D 146 22.13 -13.96 11.42
C LEU D 146 21.20 -15.14 11.70
N LEU D 147 20.00 -15.11 11.13
CA LEU D 147 19.04 -16.18 11.32
C LEU D 147 19.60 -17.52 10.85
N GLU D 148 20.30 -17.51 9.73
CA GLU D 148 20.89 -18.72 9.18
C GLU D 148 22.04 -19.20 10.08
N ALA D 149 22.76 -18.25 10.66
CA ALA D 149 23.87 -18.58 11.54
C ALA D 149 23.32 -19.22 12.82
N LYS D 150 22.08 -18.86 13.17
CA LYS D 150 21.44 -19.40 14.35
C LYS D 150 20.94 -20.82 14.08
N GLY D 151 20.94 -21.21 12.81
CA GLY D 151 20.49 -22.55 12.47
C GLY D 151 19.17 -22.63 11.73
N GLN D 152 18.52 -21.49 11.51
CA GLN D 152 17.25 -21.47 10.80
C GLN D 152 17.46 -21.74 9.32
N LYS D 153 16.59 -22.57 8.75
CA LYS D 153 16.67 -22.89 7.32
C LYS D 153 15.78 -21.89 6.61
N VAL D 154 16.33 -20.70 6.34
CA VAL D 154 15.60 -19.63 5.68
C VAL D 154 15.26 -19.94 4.22
N ALA D 155 13.98 -19.76 3.87
CA ALA D 155 13.52 -20.01 2.51
C ALA D 155 12.61 -18.88 2.03
N LEU D 156 13.10 -18.13 1.05
CA LEU D 156 12.33 -17.02 0.47
C LEU D 156 11.25 -17.57 -0.43
N LYS D 157 9.99 -17.24 -0.12
CA LYS D 157 8.87 -17.74 -0.92
C LYS D 157 7.85 -16.64 -1.22
N GLU D 158 6.78 -17.02 -1.93
CA GLU D 158 5.74 -16.07 -2.31
C GLU D 158 5.02 -15.41 -1.15
N ALA D 159 4.34 -14.30 -1.46
CA ALA D 159 3.59 -13.55 -0.47
C ALA D 159 2.62 -14.44 0.29
N GLY D 161 -0.79 -14.65 2.88
CA GLY D 161 -1.98 -14.02 3.46
C GLY D 161 -2.67 -12.85 2.78
N SER D 162 -3.76 -12.43 3.41
CA SER D 162 -4.57 -11.31 2.95
C SER D 162 -5.36 -10.81 4.15
N THR D 163 -4.70 -10.04 5.01
CA THR D 163 -5.34 -9.50 6.19
C THR D 163 -6.30 -8.38 5.81
N GLN D 164 -7.44 -8.33 6.49
CA GLN D 164 -8.44 -7.30 6.27
C GLN D 164 -8.78 -6.96 7.72
N SER D 165 -8.26 -5.83 8.18
CA SER D 165 -8.40 -5.47 9.59
C SER D 165 -8.93 -4.09 9.91
N ILE D 166 -9.36 -3.95 11.16
CA ILE D 166 -9.90 -2.71 11.67
C ILE D 166 -9.41 -2.53 13.11
N VAL D 168 -9.77 -0.09 16.52
CA VAL D 168 -10.73 0.84 17.07
C VAL D 168 -10.15 1.72 18.16
N GLY D 169 -10.32 3.03 18.01
CA GLY D 169 -9.82 3.95 19.02
C GLY D 169 -10.85 4.01 20.14
N PRO D 170 -10.42 4.24 21.39
CA PRO D 170 -11.37 4.30 22.50
C PRO D 170 -12.45 5.37 22.31
N ASP D 171 -12.20 6.31 21.41
CA ASP D 171 -13.15 7.37 21.13
C ASP D 171 -14.14 6.99 20.03
N GLY D 172 -13.97 5.79 19.48
CA GLY D 172 -14.88 5.34 18.44
C GLY D 172 -14.33 5.51 17.03
N GLU D 173 -13.19 6.17 16.90
CA GLU D 173 -12.60 6.37 15.59
C GLU D 173 -12.17 5.02 15.04
N LEU D 174 -12.47 4.77 13.76
CA LEU D 174 -12.12 3.50 13.13
C LEU D 174 -10.96 3.65 12.16
N TYR D 175 -10.01 2.71 12.24
CA TYR D 175 -8.83 2.70 11.40
C TYR D 175 -8.77 1.34 10.71
N GLY D 176 -8.72 1.32 9.39
CA GLY D 176 -8.69 0.05 8.69
C GLY D 176 -7.58 -0.12 7.67
N ALA D 177 -7.35 -1.38 7.28
CA ALA D 177 -6.32 -1.66 6.30
C ALA D 177 -6.57 -2.95 5.55
N SER D 178 -6.45 -2.88 4.23
CA SER D 178 -6.59 -4.04 3.36
C SER D 178 -5.19 -4.43 2.93
N ASP D 179 -4.94 -5.73 2.88
CA ASP D 179 -3.64 -6.25 2.51
C ASP D 179 -3.20 -5.83 1.11
N PRO D 180 -1.95 -5.37 0.97
CA PRO D 180 -1.52 -4.99 -0.38
C PRO D 180 -1.31 -6.21 -1.27
N ARG D 181 -1.20 -7.38 -0.64
CA ARG D 181 -0.97 -8.61 -1.38
C ARG D 181 -2.14 -9.04 -2.27
N SER D 182 -3.33 -8.50 -2.00
CA SER D 182 -4.53 -8.82 -2.78
C SER D 182 -5.00 -7.65 -3.61
N VAL D 183 -4.84 -7.73 -4.93
CA VAL D 183 -5.30 -6.65 -5.79
C VAL D 183 -6.82 -6.61 -5.75
N ASP D 184 -7.37 -5.40 -5.91
CA ASP D 184 -8.82 -5.21 -5.92
C ASP D 184 -9.52 -5.33 -4.57
N ASP D 185 -8.77 -5.38 -3.47
CA ASP D 185 -9.41 -5.46 -2.17
C ASP D 185 -9.72 -4.05 -1.69
N LEU D 186 -10.50 -3.92 -0.62
CA LEU D 186 -10.85 -2.60 -0.13
C LEU D 186 -11.36 -2.55 1.29
N THR D 187 -10.97 -1.48 1.98
CA THR D 187 -11.44 -1.22 3.33
C THR D 187 -12.04 0.17 3.19
N ALA D 188 -13.30 0.31 3.58
CA ALA D 188 -13.99 1.58 3.48
C ALA D 188 -14.98 1.75 4.62
N GLY D 189 -15.41 2.99 4.84
CA GLY D 189 -16.35 3.26 5.90
C GLY D 189 -17.08 4.56 5.67
N TYR D 190 -17.69 5.08 6.73
CA TYR D 190 -18.44 6.34 6.62
C TYR D 190 -18.56 6.95 8.02
#